data_3DTG
#
_entry.id   3DTG
#
_cell.length_a   60.000
_cell.length_b   87.800
_cell.length_c   72.900
_cell.angle_alpha   90.00
_cell.angle_beta   105.80
_cell.angle_gamma   90.00
#
_symmetry.space_group_name_H-M   'P 1 21 1'
#
loop_
_entity.id
_entity.type
_entity.pdbx_description
1 polymer 'Branched-chain amino acid aminotransferase'
2 non-polymer "PYRIDOXAL-5'-PHOSPHATE"
3 non-polymer O-benzylhydroxylamine
4 non-polymer GLYCEROL
5 water water
#
_entity_poly.entity_id   1
_entity_poly.type   'polypeptide(L)'
_entity_poly.pdbx_seq_one_letter_code
;AHHHHNSGPLEFTVSANTNPATDAVRESILANPGFGKYYTDHMVSIDYTVDEGWHNAQVIPYGPIQLDPSAIVLHYGQEI
FEGLKAYRWADGSIVSFRPEANAARLQSSARRLAIPELPEEVFIESLRQLIAVDEKWVPPAGGEESLYLRPFVIATEPGL
GVRPSNEYRYLLIASPAGAYFKGGIKPVSVWLSHEYVRASPGGTGAAKFGGNYAASLLAQAQAAEMGCDQVVWLDAIERR
YVEEMGGMNLFFVFGSGGSARLVTPELSGSLLPGITRDSLLQLATDAGFAVEERKIDVDEWQKKAGAGEITEVFACGTAA
VITPVSHVKHHDGEFTIADGQPGEITMALRDTLTGIQRGTFADTHGWMARLN
;
_entity_poly.pdbx_strand_id   A,B
#
loop_
_chem_comp.id
_chem_comp.type
_chem_comp.name
_chem_comp.formula
GOL non-polymer GLYCEROL 'C3 H8 O3'
OBZ non-polymer O-benzylhydroxylamine 'C7 H9 N O'
PLP non-polymer PYRIDOXAL-5'-PHOSPHATE 'C8 H10 N O6 P'
#
# COMPACT_ATOMS: atom_id res chain seq x y z
N LEU A 10 -4.67 26.36 -15.53
CA LEU A 10 -3.23 25.96 -15.40
C LEU A 10 -2.59 25.89 -16.79
N GLU A 11 -1.41 26.48 -16.91
CA GLU A 11 -0.70 26.51 -18.18
C GLU A 11 0.33 25.39 -18.30
N PHE A 12 0.27 24.63 -19.40
CA PHE A 12 1.19 23.53 -19.63
C PHE A 12 2.31 23.97 -20.57
N THR A 13 3.54 23.56 -20.26
CA THR A 13 4.70 23.85 -21.10
C THR A 13 5.07 22.54 -21.79
N VAL A 14 5.56 22.63 -23.03
CA VAL A 14 5.91 21.42 -23.76
C VAL A 14 7.37 21.32 -24.16
N SER A 15 8.00 20.23 -23.76
CA SER A 15 9.39 19.94 -24.10
C SER A 15 9.31 18.68 -24.93
N ALA A 16 9.45 18.83 -26.23
CA ALA A 16 9.36 17.72 -27.17
C ALA A 16 10.45 16.67 -27.00
N ASN A 17 10.08 15.42 -27.25
CA ASN A 17 11.03 14.31 -27.16
C ASN A 17 11.87 14.39 -28.44
N THR A 18 13.18 14.51 -28.28
CA THR A 18 14.10 14.62 -29.40
C THR A 18 14.44 13.28 -30.03
N ASN A 19 14.23 12.20 -29.27
CA ASN A 19 14.51 10.88 -29.80
C ASN A 19 13.33 9.94 -29.54
N PRO A 20 12.18 10.23 -30.16
CA PRO A 20 10.97 9.40 -29.99
C PRO A 20 11.10 8.10 -30.77
N ALA A 21 10.18 7.17 -30.51
CA ALA A 21 10.20 5.90 -31.21
C ALA A 21 10.00 6.17 -32.70
N THR A 22 10.70 5.43 -33.54
CA THR A 22 10.57 5.60 -34.98
C THR A 22 9.17 5.18 -35.38
N ASP A 23 8.73 5.64 -36.54
CA ASP A 23 7.41 5.32 -37.04
C ASP A 23 7.25 3.81 -37.20
N ALA A 24 8.35 3.14 -37.53
CA ALA A 24 8.35 1.69 -37.71
C ALA A 24 8.15 1.00 -36.37
N VAL A 25 8.91 1.43 -35.36
CA VAL A 25 8.81 0.86 -34.03
C VAL A 25 7.42 1.10 -33.46
N ARG A 26 6.92 2.31 -33.60
CA ARG A 26 5.60 2.65 -33.09
C ARG A 26 4.53 1.77 -33.74
N GLU A 27 4.55 1.71 -35.07
CA GLU A 27 3.58 0.90 -35.80
C GLU A 27 3.65 -0.56 -35.38
N SER A 28 4.88 -1.04 -35.17
CA SER A 28 5.08 -2.43 -34.74
C SER A 28 4.36 -2.66 -33.41
N ILE A 29 4.56 -1.73 -32.48
CA ILE A 29 3.95 -1.81 -31.16
C ILE A 29 2.42 -1.80 -31.23
N LEU A 30 1.88 -0.87 -32.02
CA LEU A 30 0.43 -0.75 -32.16
C LEU A 30 -0.17 -2.02 -32.76
N ALA A 31 0.64 -2.79 -33.49
CA ALA A 31 0.17 -4.04 -34.10
C ALA A 31 0.13 -5.15 -33.06
N ASN A 32 1.11 -5.18 -32.17
CA ASN A 32 1.19 -6.19 -31.11
C ASN A 32 1.57 -5.47 -29.82
N PRO A 33 0.64 -4.70 -29.25
CA PRO A 33 0.89 -3.95 -28.02
C PRO A 33 0.86 -4.68 -26.68
N GLY A 34 0.05 -5.73 -26.57
CA GLY A 34 -0.07 -6.44 -25.30
C GLY A 34 -0.76 -5.45 -24.37
N PHE A 35 -0.41 -5.44 -23.09
CA PHE A 35 -1.01 -4.48 -22.18
C PHE A 35 -0.01 -3.92 -21.17
N GLY A 36 0.04 -2.60 -21.08
CA GLY A 36 0.95 -1.95 -20.13
C GLY A 36 2.41 -2.30 -20.33
N LYS A 37 2.74 -2.71 -21.55
CA LYS A 37 4.10 -3.10 -21.91
C LYS A 37 4.91 -1.95 -22.51
N TYR A 38 4.33 -1.24 -23.47
CA TYR A 38 5.01 -0.12 -24.12
C TYR A 38 4.39 1.21 -23.74
N TYR A 39 5.18 2.27 -23.80
CA TYR A 39 4.72 3.61 -23.46
C TYR A 39 4.97 4.59 -24.60
N THR A 40 4.16 5.64 -24.67
CA THR A 40 4.28 6.63 -25.73
C THR A 40 5.56 7.47 -25.54
N ASP A 41 5.78 8.44 -26.43
CA ASP A 41 6.96 9.27 -26.38
C ASP A 41 6.97 10.33 -25.28
N HIS A 42 5.79 10.76 -24.84
CA HIS A 42 5.73 11.78 -23.80
C HIS A 42 4.91 11.39 -22.59
N MET A 43 4.94 12.23 -21.57
CA MET A 43 4.18 12.03 -20.35
C MET A 43 3.85 13.40 -19.80
N VAL A 44 2.86 13.48 -18.92
CA VAL A 44 2.49 14.76 -18.33
C VAL A 44 2.92 14.75 -16.88
N SER A 45 3.45 15.88 -16.41
CA SER A 45 3.91 15.99 -15.03
C SER A 45 3.44 17.29 -14.41
N ILE A 46 2.87 17.20 -13.21
CA ILE A 46 2.38 18.38 -12.49
C ILE A 46 2.83 18.22 -11.05
N ASP A 47 3.43 19.26 -10.51
CA ASP A 47 3.92 19.21 -9.14
C ASP A 47 2.96 19.83 -8.15
N TYR A 48 3.12 19.44 -6.89
CA TYR A 48 2.28 19.98 -5.83
C TYR A 48 3.07 20.25 -4.56
N THR A 49 2.90 21.46 -4.02
CA THR A 49 3.53 21.85 -2.77
C THR A 49 2.40 22.57 -2.05
N VAL A 50 2.46 22.60 -0.72
CA VAL A 50 1.40 23.26 0.05
C VAL A 50 1.25 24.73 -0.31
N ASP A 51 2.36 25.41 -0.54
CA ASP A 51 2.34 26.83 -0.85
C ASP A 51 1.90 27.21 -2.26
N GLU A 52 2.25 26.39 -3.25
CA GLU A 52 1.89 26.69 -4.63
C GLU A 52 0.75 25.82 -5.17
N GLY A 53 0.35 24.81 -4.40
CA GLY A 53 -0.71 23.94 -4.87
C GLY A 53 -0.21 23.23 -6.11
N TRP A 54 -1.11 22.91 -7.06
CA TRP A 54 -0.67 22.24 -8.27
C TRP A 54 -0.05 23.29 -9.19
N HIS A 55 1.18 23.03 -9.63
CA HIS A 55 1.88 23.97 -10.49
C HIS A 55 2.92 23.27 -11.36
N ASN A 56 3.60 24.06 -12.18
CA ASN A 56 4.63 23.53 -13.07
C ASN A 56 4.10 22.36 -13.91
N ALA A 57 2.91 22.54 -14.44
CA ALA A 57 2.30 21.52 -15.28
C ALA A 57 3.08 21.53 -16.59
N GLN A 58 3.39 20.34 -17.10
CA GLN A 58 4.11 20.27 -18.34
C GLN A 58 4.03 18.93 -19.06
N VAL A 59 4.38 18.95 -20.33
CA VAL A 59 4.40 17.77 -21.17
C VAL A 59 5.87 17.56 -21.45
N ILE A 60 6.42 16.45 -20.99
CA ILE A 60 7.83 16.17 -21.19
C ILE A 60 8.02 14.80 -21.80
N PRO A 61 9.25 14.50 -22.25
CA PRO A 61 9.56 13.21 -22.84
C PRO A 61 9.39 12.10 -21.81
N TYR A 62 8.95 10.92 -22.26
CA TYR A 62 8.79 9.81 -21.34
C TYR A 62 10.21 9.45 -20.92
N GLY A 63 10.41 9.27 -19.62
CA GLY A 63 11.74 8.90 -19.15
C GLY A 63 11.79 8.70 -17.65
N PRO A 64 12.93 8.23 -17.12
CA PRO A 64 13.10 7.98 -15.69
C PRO A 64 12.75 9.17 -14.82
N ILE A 65 12.16 8.88 -13.67
CA ILE A 65 11.75 9.90 -12.72
C ILE A 65 12.78 9.93 -11.59
N GLN A 66 12.88 11.06 -10.91
CA GLN A 66 13.83 11.22 -9.82
C GLN A 66 13.10 11.30 -8.48
N LEU A 67 13.60 10.57 -7.49
CA LEU A 67 13.01 10.56 -6.15
C LEU A 67 14.07 10.48 -5.05
N ASP A 68 13.87 11.22 -3.96
CA ASP A 68 14.79 11.16 -2.83
C ASP A 68 14.59 9.77 -2.25
N PRO A 69 15.67 9.13 -1.77
CA PRO A 69 15.58 7.79 -1.18
C PRO A 69 14.55 7.70 -0.08
N SER A 70 14.33 8.82 0.63
CA SER A 70 13.36 8.84 1.72
C SER A 70 11.96 9.34 1.31
N ALA A 71 11.71 9.44 0.01
CA ALA A 71 10.41 9.89 -0.49
C ALA A 71 9.31 9.03 0.15
N ILE A 72 8.29 9.69 0.69
CA ILE A 72 7.20 8.99 1.37
C ILE A 72 6.59 7.81 0.58
N VAL A 73 6.43 7.95 -0.73
CA VAL A 73 5.84 6.86 -1.51
C VAL A 73 6.67 5.57 -1.44
N LEU A 74 7.97 5.70 -1.21
CA LEU A 74 8.85 4.54 -1.16
C LEU A 74 8.88 3.82 0.19
N HIS A 75 8.18 4.38 1.17
CA HIS A 75 8.18 3.80 2.52
C HIS A 75 6.79 3.57 3.09
N TYR A 76 5.89 4.54 2.88
CA TYR A 76 4.55 4.44 3.44
C TYR A 76 3.42 4.38 2.40
N GLY A 77 3.80 3.94 1.21
CA GLY A 77 2.88 3.77 0.09
C GLY A 77 1.77 4.74 -0.18
N GLN A 78 2.00 6.05 0.05
CA GLN A 78 0.94 7.01 -0.22
C GLN A 78 0.92 7.31 -1.73
N GLU A 79 0.02 6.62 -2.43
CA GLU A 79 -0.12 6.75 -3.87
C GLU A 79 -1.51 6.31 -4.29
N ILE A 80 -1.96 6.77 -5.46
CA ILE A 80 -3.26 6.37 -5.99
C ILE A 80 -3.17 6.40 -7.51
N PHE A 81 -4.11 5.75 -8.18
CA PHE A 81 -4.07 5.75 -9.64
C PHE A 81 -5.43 5.64 -10.27
N GLU A 82 -5.44 5.79 -11.59
CA GLU A 82 -6.65 5.67 -12.38
C GLU A 82 -6.34 4.89 -13.65
N GLY A 83 -7.38 4.59 -14.41
CA GLY A 83 -7.20 3.85 -15.64
C GLY A 83 -8.37 4.09 -16.56
N LEU A 84 -8.10 4.70 -17.70
CA LEU A 84 -9.13 4.95 -18.69
C LEU A 84 -8.52 4.80 -20.08
N LYS A 85 -9.31 5.02 -21.12
CA LYS A 85 -8.82 4.83 -22.48
C LYS A 85 -9.14 5.96 -23.46
N ALA A 86 -8.34 6.04 -24.50
CA ALA A 86 -8.53 7.01 -25.57
C ALA A 86 -8.73 6.17 -26.82
N TYR A 87 -9.71 6.53 -27.62
CA TYR A 87 -10.00 5.79 -28.83
C TYR A 87 -9.97 6.69 -30.06
N ARG A 88 -9.58 6.12 -31.19
CA ARG A 88 -9.55 6.87 -32.44
C ARG A 88 -10.81 6.51 -33.22
N TRP A 89 -11.59 7.52 -33.60
CA TRP A 89 -12.83 7.29 -34.35
C TRP A 89 -12.63 7.46 -35.86
N ALA A 90 -13.62 7.01 -36.63
CA ALA A 90 -13.57 7.10 -38.08
C ALA A 90 -13.35 8.51 -38.60
N ASP A 91 -14.02 9.49 -38.00
CA ASP A 91 -13.87 10.88 -38.43
C ASP A 91 -12.50 11.44 -38.09
N GLY A 92 -11.63 10.61 -37.53
CA GLY A 92 -10.29 11.06 -37.19
C GLY A 92 -10.16 11.67 -35.81
N SER A 93 -11.27 11.79 -35.08
CA SER A 93 -11.24 12.38 -33.75
C SER A 93 -10.71 11.37 -32.74
N ILE A 94 -10.22 11.88 -31.61
CA ILE A 94 -9.72 11.04 -30.54
C ILE A 94 -10.59 11.32 -29.32
N VAL A 95 -11.23 10.28 -28.83
CA VAL A 95 -12.15 10.41 -27.70
C VAL A 95 -11.80 9.51 -26.53
N SER A 96 -12.47 9.72 -25.41
CA SER A 96 -12.29 8.93 -24.21
C SER A 96 -13.66 8.57 -23.64
N PHE A 97 -13.74 7.45 -22.95
CA PHE A 97 -14.99 6.99 -22.34
C PHE A 97 -15.11 7.47 -20.90
N ARG A 98 -16.10 8.31 -20.65
CA ARG A 98 -16.40 8.87 -19.32
C ARG A 98 -15.17 9.34 -18.52
N PRO A 99 -14.34 10.19 -19.12
CA PRO A 99 -13.14 10.68 -18.42
C PRO A 99 -13.45 11.50 -17.18
N GLU A 100 -14.63 12.13 -17.16
CA GLU A 100 -15.07 12.95 -16.03
C GLU A 100 -15.25 12.07 -14.80
N ALA A 101 -15.71 10.84 -15.01
CA ALA A 101 -15.91 9.90 -13.90
C ALA A 101 -14.59 9.52 -13.28
N ASN A 102 -13.56 9.32 -14.10
CA ASN A 102 -12.24 8.97 -13.58
C ASN A 102 -11.68 10.14 -12.78
N ALA A 103 -11.87 11.34 -13.31
CA ALA A 103 -11.41 12.54 -12.65
C ALA A 103 -12.00 12.60 -11.25
N ALA A 104 -13.28 12.31 -11.15
CA ALA A 104 -13.99 12.32 -9.88
C ALA A 104 -13.56 11.22 -8.94
N ARG A 105 -13.29 10.03 -9.47
CA ARG A 105 -12.87 8.92 -8.63
C ARG A 105 -11.44 9.08 -8.12
N LEU A 106 -10.61 9.79 -8.90
CA LEU A 106 -9.23 10.01 -8.47
C LEU A 106 -9.29 10.91 -7.23
N GLN A 107 -10.26 11.83 -7.23
CA GLN A 107 -10.44 12.74 -6.10
C GLN A 107 -10.98 11.98 -4.90
N SER A 108 -11.75 10.92 -5.17
CA SER A 108 -12.30 10.12 -4.08
C SER A 108 -11.18 9.28 -3.48
N SER A 109 -10.37 8.68 -4.33
CA SER A 109 -9.25 7.86 -3.86
C SER A 109 -8.30 8.77 -3.07
N ALA A 110 -8.09 9.98 -3.59
CA ALA A 110 -7.20 10.94 -2.96
C ALA A 110 -7.65 11.28 -1.54
N ARG A 111 -8.93 11.53 -1.36
CA ARG A 111 -9.44 11.86 -0.02
C ARG A 111 -9.19 10.72 0.97
N ARG A 112 -9.48 9.48 0.57
CA ARG A 112 -9.29 8.35 1.47
C ARG A 112 -7.81 8.13 1.85
N LEU A 113 -6.90 8.56 0.98
CA LEU A 113 -5.46 8.41 1.22
C LEU A 113 -4.75 9.68 1.66
N ALA A 114 -5.52 10.70 2.04
CA ALA A 114 -4.97 11.97 2.52
C ALA A 114 -4.07 12.67 1.49
N ILE A 115 -4.44 12.56 0.22
CA ILE A 115 -3.69 13.16 -0.88
C ILE A 115 -4.54 14.31 -1.42
N PRO A 116 -3.92 15.47 -1.71
CA PRO A 116 -4.67 16.61 -2.23
C PRO A 116 -5.36 16.27 -3.56
N GLU A 117 -6.60 16.72 -3.71
CA GLU A 117 -7.35 16.46 -4.92
C GLU A 117 -6.83 17.27 -6.10
N LEU A 118 -6.88 16.67 -7.29
CA LEU A 118 -6.45 17.36 -8.49
C LEU A 118 -7.75 17.83 -9.14
N PRO A 119 -7.86 19.13 -9.45
CA PRO A 119 -9.07 19.66 -10.08
C PRO A 119 -9.43 18.87 -11.34
N GLU A 120 -10.70 18.50 -11.46
CA GLU A 120 -11.15 17.74 -12.62
C GLU A 120 -10.81 18.40 -13.97
N GLU A 121 -10.80 19.74 -14.01
CA GLU A 121 -10.47 20.39 -15.27
C GLU A 121 -9.01 20.19 -15.62
N VAL A 122 -8.16 20.12 -14.61
CA VAL A 122 -6.73 19.90 -14.82
C VAL A 122 -6.52 18.45 -15.26
N PHE A 123 -7.27 17.54 -14.64
CA PHE A 123 -7.19 16.12 -14.99
C PHE A 123 -7.52 15.98 -16.47
N ILE A 124 -8.69 16.45 -16.87
CA ILE A 124 -9.11 16.37 -18.25
C ILE A 124 -8.12 17.05 -19.19
N GLU A 125 -7.58 18.18 -18.74
CA GLU A 125 -6.63 18.91 -19.56
C GLU A 125 -5.33 18.13 -19.76
N SER A 126 -4.89 17.42 -18.72
CA SER A 126 -3.66 16.65 -18.86
C SER A 126 -3.85 15.63 -19.98
N LEU A 127 -5.06 15.09 -20.08
CA LEU A 127 -5.39 14.11 -21.11
C LEU A 127 -5.26 14.71 -22.52
N ARG A 128 -5.82 15.90 -22.70
CA ARG A 128 -5.79 16.59 -23.99
C ARG A 128 -4.36 16.94 -24.40
N GLN A 129 -3.55 17.36 -23.42
CA GLN A 129 -2.16 17.74 -23.68
C GLN A 129 -1.32 16.56 -24.14
N LEU A 130 -1.46 15.43 -23.48
CA LEU A 130 -0.69 14.24 -23.85
C LEU A 130 -1.09 13.76 -25.24
N ILE A 131 -2.39 13.71 -25.50
CA ILE A 131 -2.86 13.27 -26.80
C ILE A 131 -2.42 14.25 -27.89
N ALA A 132 -2.34 15.53 -27.53
CA ALA A 132 -1.92 16.55 -28.49
C ALA A 132 -0.53 16.24 -29.05
N VAL A 133 0.38 15.75 -28.20
CA VAL A 133 1.72 15.42 -28.66
C VAL A 133 1.88 13.96 -29.07
N ASP A 134 1.09 13.07 -28.47
CA ASP A 134 1.20 11.64 -28.78
C ASP A 134 0.01 11.01 -29.49
N GLU A 135 -0.77 11.80 -30.22
CA GLU A 135 -1.95 11.28 -30.92
C GLU A 135 -1.65 10.11 -31.85
N LYS A 136 -0.46 10.11 -32.44
CA LYS A 136 -0.09 9.05 -33.36
C LYS A 136 0.04 7.68 -32.68
N TRP A 137 -0.03 7.66 -31.36
CA TRP A 137 0.04 6.42 -30.61
C TRP A 137 -1.35 5.82 -30.37
N VAL A 138 -2.39 6.54 -30.79
CA VAL A 138 -3.75 6.05 -30.63
C VAL A 138 -3.99 5.09 -31.81
N PRO A 139 -4.46 3.87 -31.52
CA PRO A 139 -4.73 2.84 -32.53
C PRO A 139 -5.72 3.26 -33.62
N PRO A 140 -5.65 2.61 -34.79
CA PRO A 140 -6.57 2.96 -35.88
C PRO A 140 -8.02 2.75 -35.44
N ALA A 141 -8.93 3.51 -36.02
CA ALA A 141 -10.35 3.40 -35.69
C ALA A 141 -10.93 2.03 -36.03
N GLY A 142 -12.11 1.74 -35.49
CA GLY A 142 -12.76 0.47 -35.75
C GLY A 142 -11.92 -0.74 -35.42
N GLY A 143 -11.37 -0.78 -34.21
CA GLY A 143 -10.56 -1.90 -33.79
C GLY A 143 -10.69 -2.17 -32.32
N GLU A 144 -10.17 -3.31 -31.86
CA GLU A 144 -10.23 -3.67 -30.45
C GLU A 144 -9.12 -2.97 -29.66
N GLU A 145 -8.06 -2.58 -30.36
CA GLU A 145 -6.94 -1.90 -29.72
C GLU A 145 -7.34 -0.49 -29.29
N SER A 146 -6.61 0.06 -28.32
CA SER A 146 -6.89 1.40 -27.80
C SER A 146 -5.63 1.94 -27.13
N LEU A 147 -5.71 3.14 -26.56
CA LEU A 147 -4.56 3.72 -25.87
C LEU A 147 -4.94 3.85 -24.39
N TYR A 148 -4.31 3.05 -23.54
CA TYR A 148 -4.59 3.06 -22.12
C TYR A 148 -3.91 4.25 -21.47
N LEU A 149 -4.68 5.04 -20.72
CA LEU A 149 -4.12 6.20 -20.05
C LEU A 149 -4.04 5.89 -18.56
N ARG A 150 -2.86 6.12 -17.98
CA ARG A 150 -2.64 5.84 -16.56
C ARG A 150 -2.25 7.09 -15.80
N PRO A 151 -3.24 7.75 -15.17
CA PRO A 151 -2.99 8.95 -14.37
C PRO A 151 -2.67 8.43 -12.98
N PHE A 152 -1.69 9.03 -12.32
CA PHE A 152 -1.36 8.62 -10.97
C PHE A 152 -0.69 9.72 -10.17
N VAL A 153 -0.79 9.60 -8.86
CA VAL A 153 -0.20 10.58 -7.95
C VAL A 153 0.60 9.86 -6.87
N ILE A 154 1.81 10.35 -6.62
CA ILE A 154 2.71 9.77 -5.64
C ILE A 154 3.22 10.84 -4.67
N ALA A 155 3.42 10.45 -3.42
CA ALA A 155 3.92 11.35 -2.38
C ALA A 155 5.44 11.41 -2.56
N THR A 156 5.96 12.62 -2.77
CA THR A 156 7.39 12.79 -3.04
C THR A 156 8.22 13.48 -1.96
N GLU A 157 7.59 13.92 -0.89
CA GLU A 157 8.32 14.60 0.16
C GLU A 157 9.24 13.67 0.93
N PRO A 158 10.49 14.10 1.16
CA PRO A 158 11.41 13.25 1.92
C PRO A 158 11.04 13.30 3.41
N GLY A 159 11.65 12.45 4.21
CA GLY A 159 11.35 12.42 5.62
C GLY A 159 10.75 11.07 5.99
N LEU A 160 11.29 10.42 7.00
CA LEU A 160 10.81 9.10 7.42
C LEU A 160 9.69 9.12 8.45
N GLY A 161 9.25 10.31 8.83
CA GLY A 161 8.16 10.40 9.81
C GLY A 161 6.87 9.97 9.15
N VAL A 162 6.00 9.29 9.90
CA VAL A 162 4.73 8.85 9.34
C VAL A 162 3.66 9.93 9.41
N ARG A 163 3.26 10.44 8.25
CA ARG A 163 2.23 11.47 8.16
C ARG A 163 2.00 11.77 6.68
N PRO A 164 0.87 12.41 6.34
CA PRO A 164 0.58 12.74 4.95
C PRO A 164 1.68 13.62 4.35
N SER A 165 2.10 13.30 3.14
CA SER A 165 3.15 14.06 2.46
C SER A 165 2.67 15.50 2.16
N ASN A 166 3.62 16.42 2.03
CA ASN A 166 3.30 17.80 1.70
C ASN A 166 3.72 18.15 0.29
N GLU A 167 4.31 17.18 -0.39
CA GLU A 167 4.74 17.35 -1.77
C GLU A 167 4.27 16.14 -2.57
N TYR A 168 3.72 16.39 -3.75
CA TYR A 168 3.26 15.29 -4.58
C TYR A 168 3.54 15.57 -6.04
N ARG A 169 3.51 14.51 -6.84
CA ARG A 169 3.73 14.65 -8.27
C ARG A 169 2.67 13.85 -8.99
N TYR A 170 1.97 14.50 -9.90
CA TYR A 170 0.94 13.86 -10.70
C TYR A 170 1.61 13.51 -12.00
N LEU A 171 1.41 12.28 -12.46
CA LEU A 171 2.01 11.85 -13.71
C LEU A 171 0.94 11.23 -14.58
N LEU A 172 1.11 11.38 -15.88
CA LEU A 172 0.18 10.80 -16.84
C LEU A 172 0.97 10.13 -17.93
N ILE A 173 0.84 8.81 -18.01
CA ILE A 173 1.52 8.05 -19.03
C ILE A 173 0.48 7.29 -19.84
N ALA A 174 0.85 6.89 -21.05
CA ALA A 174 -0.05 6.18 -21.94
C ALA A 174 0.61 4.90 -22.44
N SER A 175 -0.19 3.86 -22.65
CA SER A 175 0.33 2.59 -23.10
C SER A 175 -0.62 1.92 -24.09
N PRO A 176 -0.16 1.69 -25.33
CA PRO A 176 -1.04 1.05 -26.32
C PRO A 176 -1.58 -0.22 -25.67
N ALA A 177 -2.88 -0.49 -25.84
CA ALA A 177 -3.49 -1.66 -25.23
C ALA A 177 -4.22 -2.55 -26.21
N GLY A 178 -3.97 -3.86 -26.10
CA GLY A 178 -4.62 -4.82 -26.97
C GLY A 178 -5.69 -5.58 -26.18
N ALA A 179 -5.25 -6.58 -25.42
CA ALA A 179 -6.14 -7.38 -24.59
C ALA A 179 -5.46 -7.63 -23.25
N TYR A 180 -6.13 -7.27 -22.16
CA TYR A 180 -5.55 -7.45 -20.83
C TYR A 180 -5.37 -8.92 -20.49
N PHE A 181 -6.46 -9.68 -20.61
CA PHE A 181 -6.42 -11.12 -20.32
C PHE A 181 -6.02 -11.91 -21.56
N LYS A 182 -5.08 -12.83 -21.36
CA LYS A 182 -4.57 -13.68 -22.43
C LYS A 182 -5.71 -14.51 -23.04
N GLY A 183 -6.22 -14.04 -24.17
CA GLY A 183 -7.31 -14.75 -24.83
C GLY A 183 -8.43 -13.83 -25.27
N GLY A 184 -8.82 -12.90 -24.39
CA GLY A 184 -9.89 -11.98 -24.73
C GLY A 184 -11.21 -12.72 -24.83
N ILE A 185 -11.51 -13.23 -26.02
CA ILE A 185 -12.75 -13.97 -26.24
C ILE A 185 -12.64 -15.35 -25.60
N LYS A 186 -12.15 -15.40 -24.37
CA LYS A 186 -12.01 -16.66 -23.65
C LYS A 186 -12.44 -16.53 -22.19
N PRO A 187 -13.32 -17.42 -21.72
CA PRO A 187 -13.79 -17.37 -20.32
C PRO A 187 -12.71 -17.83 -19.36
N VAL A 188 -12.73 -17.28 -18.14
CA VAL A 188 -11.73 -17.66 -17.15
C VAL A 188 -12.35 -18.49 -16.04
N SER A 189 -11.51 -19.23 -15.32
CA SER A 189 -11.97 -20.04 -14.20
C SER A 189 -11.58 -19.24 -12.95
N VAL A 190 -12.35 -19.37 -11.88
CA VAL A 190 -12.05 -18.61 -10.67
C VAL A 190 -11.97 -19.44 -9.41
N TRP A 191 -11.11 -19.00 -8.49
CA TRP A 191 -10.95 -19.64 -7.20
C TRP A 191 -11.46 -18.62 -6.18
N LEU A 192 -12.41 -19.01 -5.35
CA LEU A 192 -12.93 -18.09 -4.35
C LEU A 192 -11.95 -18.18 -3.17
N SER A 193 -11.32 -17.06 -2.83
CA SER A 193 -10.34 -17.06 -1.74
C SER A 193 -10.93 -17.30 -0.36
N HIS A 194 -10.49 -18.39 0.25
CA HIS A 194 -10.94 -18.80 1.57
C HIS A 194 -10.04 -18.15 2.61
N GLU A 195 -8.78 -17.94 2.24
CA GLU A 195 -7.77 -17.39 3.14
C GLU A 195 -7.54 -15.87 3.09
N TYR A 196 -7.88 -15.23 1.99
CA TYR A 196 -7.63 -13.80 1.88
C TYR A 196 -8.84 -12.95 1.56
N VAL A 197 -8.74 -11.67 1.92
CA VAL A 197 -9.80 -10.70 1.64
C VAL A 197 -9.14 -9.52 0.94
N ARG A 198 -9.86 -8.85 0.05
CA ARG A 198 -9.29 -7.71 -0.67
C ARG A 198 -9.40 -6.43 0.15
N ALA A 199 -10.31 -6.41 1.10
CA ALA A 199 -10.51 -5.24 1.96
C ALA A 199 -11.57 -5.57 2.98
N SER A 200 -11.71 -4.70 3.98
CA SER A 200 -12.71 -4.90 5.02
C SER A 200 -13.33 -3.56 5.39
N PRO A 201 -14.47 -3.58 6.08
CA PRO A 201 -15.12 -2.33 6.48
C PRO A 201 -14.10 -1.46 7.23
N GLY A 202 -14.06 -0.18 6.88
CA GLY A 202 -13.11 0.72 7.54
C GLY A 202 -11.74 0.63 6.90
N GLY A 203 -11.69 0.08 5.69
CA GLY A 203 -10.43 -0.05 4.98
C GLY A 203 -10.34 0.85 3.76
N THR A 204 -9.48 0.49 2.81
CA THR A 204 -9.28 1.28 1.59
C THR A 204 -9.84 0.59 0.33
N GLY A 205 -10.78 -0.33 0.53
CA GLY A 205 -11.35 -1.06 -0.59
C GLY A 205 -12.01 -0.21 -1.67
N ALA A 206 -12.55 0.94 -1.30
CA ALA A 206 -13.22 1.80 -2.25
C ALA A 206 -12.31 2.79 -2.98
N ALA A 207 -11.00 2.74 -2.70
CA ALA A 207 -10.06 3.64 -3.36
C ALA A 207 -9.18 2.87 -4.35
N LYS A 208 -8.81 3.52 -5.45
CA LYS A 208 -7.91 2.90 -6.43
C LYS A 208 -6.55 3.27 -5.87
N PHE A 209 -6.11 2.41 -4.94
CA PHE A 209 -4.89 2.58 -4.18
C PHE A 209 -3.94 1.39 -4.35
N GLY A 210 -2.69 1.68 -4.71
CA GLY A 210 -1.71 0.63 -4.91
C GLY A 210 -1.60 -0.42 -3.82
N GLY A 211 -1.76 0.01 -2.57
CA GLY A 211 -1.67 -0.92 -1.46
C GLY A 211 -2.62 -2.10 -1.59
N ASN A 212 -3.82 -1.82 -2.09
CA ASN A 212 -4.81 -2.86 -2.27
C ASN A 212 -4.28 -3.97 -3.16
N TYR A 213 -3.57 -3.60 -4.23
CA TYR A 213 -3.06 -4.61 -5.15
C TYR A 213 -1.87 -5.39 -4.64
N ALA A 214 -0.94 -4.73 -3.96
CA ALA A 214 0.22 -5.41 -3.42
C ALA A 214 -0.23 -6.50 -2.44
N ALA A 215 -1.27 -6.18 -1.68
CA ALA A 215 -1.80 -7.10 -0.68
C ALA A 215 -2.47 -8.36 -1.26
N SER A 216 -2.92 -8.27 -2.51
CA SER A 216 -3.62 -9.37 -3.16
C SER A 216 -2.76 -10.35 -3.95
N LEU A 217 -1.47 -10.07 -4.08
CA LEU A 217 -0.60 -10.94 -4.86
C LEU A 217 -0.59 -12.41 -4.44
N LEU A 218 -0.53 -12.66 -3.13
CA LEU A 218 -0.53 -14.06 -2.66
C LEU A 218 -1.84 -14.76 -2.94
N ALA A 219 -2.95 -14.04 -2.82
CA ALA A 219 -4.26 -14.63 -3.06
C ALA A 219 -4.41 -15.06 -4.53
N GLN A 220 -3.85 -14.28 -5.45
CA GLN A 220 -3.92 -14.60 -6.87
C GLN A 220 -3.01 -15.79 -7.14
N ALA A 221 -1.83 -15.77 -6.52
CA ALA A 221 -0.89 -16.86 -6.70
C ALA A 221 -1.54 -18.18 -6.28
N GLN A 222 -2.29 -18.14 -5.18
CA GLN A 222 -2.97 -19.32 -4.66
C GLN A 222 -4.08 -19.78 -5.60
N ALA A 223 -4.75 -18.83 -6.24
CA ALA A 223 -5.81 -19.15 -7.18
C ALA A 223 -5.18 -20.00 -8.29
N ALA A 224 -4.05 -19.54 -8.81
CA ALA A 224 -3.34 -20.25 -9.86
C ALA A 224 -2.87 -21.63 -9.40
N GLU A 225 -2.40 -21.71 -8.15
CA GLU A 225 -1.91 -22.98 -7.60
C GLU A 225 -3.04 -23.98 -7.40
N MET A 226 -4.28 -23.48 -7.32
CA MET A 226 -5.45 -24.34 -7.17
C MET A 226 -5.97 -24.71 -8.56
N GLY A 227 -5.23 -24.29 -9.59
CA GLY A 227 -5.62 -24.61 -10.95
C GLY A 227 -6.61 -23.65 -11.57
N CYS A 228 -6.69 -22.43 -11.05
CA CYS A 228 -7.63 -21.46 -11.58
C CYS A 228 -6.94 -20.24 -12.17
N ASP A 229 -7.63 -19.54 -13.06
CA ASP A 229 -7.08 -18.36 -13.70
C ASP A 229 -7.07 -17.12 -12.82
N GLN A 230 -8.17 -16.87 -12.11
CA GLN A 230 -8.30 -15.66 -11.29
C GLN A 230 -8.89 -15.91 -9.92
N VAL A 231 -8.59 -15.01 -8.97
CA VAL A 231 -9.12 -15.12 -7.63
C VAL A 231 -10.37 -14.28 -7.52
N VAL A 232 -11.35 -14.77 -6.76
CA VAL A 232 -12.59 -14.03 -6.55
C VAL A 232 -12.64 -13.76 -5.04
N TRP A 233 -13.02 -12.53 -4.70
CA TRP A 233 -13.08 -12.11 -3.31
C TRP A 233 -14.45 -12.28 -2.65
N LEU A 234 -14.43 -12.68 -1.38
CA LEU A 234 -15.67 -12.85 -0.60
C LEU A 234 -15.57 -11.83 0.55
N ASP A 235 -16.71 -11.32 1.02
CA ASP A 235 -16.69 -10.31 2.08
C ASP A 235 -15.84 -10.73 3.29
N ALA A 236 -15.13 -9.76 3.86
CA ALA A 236 -14.26 -10.01 5.00
C ALA A 236 -14.96 -10.25 6.33
N ILE A 237 -16.26 -9.94 6.39
CA ILE A 237 -17.02 -10.11 7.62
C ILE A 237 -17.58 -11.52 7.80
N GLU A 238 -18.45 -11.93 6.89
CA GLU A 238 -19.06 -13.26 6.97
C GLU A 238 -18.35 -14.31 6.11
N ARG A 239 -17.42 -13.86 5.27
CA ARG A 239 -16.68 -14.77 4.40
C ARG A 239 -17.68 -15.56 3.56
N ARG A 240 -18.75 -14.90 3.15
CA ARG A 240 -19.80 -15.56 2.39
C ARG A 240 -20.27 -14.86 1.12
N TYR A 241 -20.28 -13.53 1.15
CA TYR A 241 -20.76 -12.78 0.00
C TYR A 241 -19.73 -12.47 -1.07
N VAL A 242 -20.10 -12.76 -2.32
CA VAL A 242 -19.24 -12.53 -3.47
C VAL A 242 -19.06 -11.05 -3.73
N GLU A 243 -17.82 -10.62 -3.94
CA GLU A 243 -17.56 -9.21 -4.20
C GLU A 243 -17.02 -8.96 -5.61
N GLU A 244 -15.74 -9.25 -5.82
CA GLU A 244 -15.11 -9.00 -7.11
C GLU A 244 -14.15 -10.10 -7.56
N MET A 245 -13.73 -10.01 -8.82
CA MET A 245 -12.77 -10.97 -9.38
C MET A 245 -11.51 -10.15 -9.62
N GLY A 246 -10.49 -10.36 -8.80
CA GLY A 246 -9.28 -9.58 -8.95
C GLY A 246 -9.68 -8.12 -8.79
N GLY A 247 -9.29 -7.29 -9.75
CA GLY A 247 -9.67 -5.89 -9.70
C GLY A 247 -10.78 -5.59 -10.70
N MET A 248 -11.78 -6.47 -10.75
CA MET A 248 -12.91 -6.31 -11.67
C MET A 248 -14.23 -6.62 -10.96
N ASN A 249 -15.28 -5.89 -11.31
CA ASN A 249 -16.59 -6.15 -10.70
C ASN A 249 -17.21 -7.37 -11.35
N LEU A 250 -18.21 -7.95 -10.67
CA LEU A 250 -18.87 -9.15 -11.17
C LEU A 250 -20.37 -8.96 -11.39
N PHE A 251 -20.90 -9.63 -12.41
CA PHE A 251 -22.32 -9.60 -12.72
C PHE A 251 -22.81 -11.02 -12.87
N PHE A 252 -24.05 -11.27 -12.47
CA PHE A 252 -24.65 -12.58 -12.58
C PHE A 252 -25.89 -12.46 -13.44
N VAL A 253 -26.03 -13.34 -14.43
CA VAL A 253 -27.17 -13.33 -15.31
C VAL A 253 -28.13 -14.46 -14.96
N PHE A 254 -29.37 -14.09 -14.64
CA PHE A 254 -30.41 -15.06 -14.30
C PHE A 254 -31.34 -15.14 -15.48
N GLY A 255 -31.54 -16.34 -16.00
CA GLY A 255 -32.42 -16.51 -17.15
C GLY A 255 -31.69 -16.16 -18.44
N SER A 256 -32.44 -15.80 -19.46
CA SER A 256 -31.84 -15.43 -20.74
C SER A 256 -32.86 -14.69 -21.59
N GLY A 257 -32.49 -14.37 -22.82
CA GLY A 257 -33.38 -13.65 -23.70
C GLY A 257 -33.63 -12.27 -23.13
N GLY A 258 -34.59 -11.54 -23.69
CA GLY A 258 -34.88 -10.20 -23.21
C GLY A 258 -35.44 -10.13 -21.81
N SER A 259 -35.94 -11.24 -21.29
CA SER A 259 -36.52 -11.28 -19.95
C SER A 259 -35.49 -11.58 -18.87
N ALA A 260 -34.25 -11.81 -19.29
CA ALA A 260 -33.18 -12.12 -18.34
C ALA A 260 -33.01 -10.97 -17.34
N ARG A 261 -32.43 -11.26 -16.19
CA ARG A 261 -32.20 -10.23 -15.19
C ARG A 261 -30.75 -10.29 -14.71
N LEU A 262 -30.18 -9.13 -14.39
CA LEU A 262 -28.81 -9.07 -13.94
C LEU A 262 -28.70 -8.70 -12.47
N VAL A 263 -27.82 -9.41 -11.76
CA VAL A 263 -27.58 -9.17 -10.35
C VAL A 263 -26.10 -8.89 -10.17
N THR A 264 -25.78 -7.88 -9.37
CA THR A 264 -24.38 -7.53 -9.11
C THR A 264 -24.26 -7.09 -7.65
N PRO A 265 -23.17 -7.48 -6.97
CA PRO A 265 -22.98 -7.09 -5.57
C PRO A 265 -23.19 -5.59 -5.37
N GLU A 266 -23.83 -5.22 -4.26
CA GLU A 266 -24.09 -3.80 -4.01
C GLU A 266 -22.84 -3.09 -3.51
N LEU A 267 -22.86 -1.76 -3.55
CA LEU A 267 -21.72 -0.97 -3.10
C LEU A 267 -21.77 -0.88 -1.58
N SER A 268 -21.32 -1.95 -0.93
CA SER A 268 -21.32 -2.04 0.54
C SER A 268 -20.53 -0.93 1.23
N GLY A 269 -19.41 -0.54 0.64
CA GLY A 269 -18.58 0.49 1.24
C GLY A 269 -17.11 0.14 1.08
N SER A 270 -16.86 -1.13 0.81
CA SER A 270 -15.49 -1.61 0.63
C SER A 270 -15.29 -2.00 -0.83
N LEU A 271 -16.40 -2.19 -1.54
CA LEU A 271 -16.37 -2.56 -2.95
C LEU A 271 -15.94 -1.34 -3.75
N LEU A 272 -15.16 -1.54 -4.80
CA LEU A 272 -14.71 -0.42 -5.61
C LEU A 272 -15.77 -0.17 -6.69
N PRO A 273 -16.37 1.04 -6.68
CA PRO A 273 -17.41 1.44 -7.63
C PRO A 273 -16.85 1.57 -9.04
N GLY A 274 -16.86 0.46 -9.77
CA GLY A 274 -16.34 0.48 -11.12
C GLY A 274 -17.18 1.31 -12.08
N ILE A 275 -16.51 2.00 -13.00
CA ILE A 275 -17.20 2.83 -13.97
C ILE A 275 -17.81 1.92 -15.04
N THR A 276 -17.14 0.81 -15.32
CA THR A 276 -17.64 -0.13 -16.32
C THR A 276 -18.92 -0.74 -15.75
N ARG A 277 -18.88 -1.05 -14.46
CA ARG A 277 -20.02 -1.62 -13.73
C ARG A 277 -21.23 -0.69 -13.81
N ASP A 278 -21.01 0.56 -13.45
CA ASP A 278 -22.06 1.57 -13.48
C ASP A 278 -22.65 1.68 -14.89
N SER A 279 -21.78 1.67 -15.90
CA SER A 279 -22.21 1.78 -17.28
C SER A 279 -23.04 0.57 -17.72
N LEU A 280 -22.59 -0.64 -17.36
CA LEU A 280 -23.30 -1.85 -17.75
C LEU A 280 -24.68 -1.97 -17.11
N LEU A 281 -24.84 -1.46 -15.88
CA LEU A 281 -26.13 -1.50 -15.22
C LEU A 281 -27.10 -0.65 -16.03
N GLN A 282 -26.61 0.49 -16.51
CA GLN A 282 -27.40 1.40 -17.31
C GLN A 282 -27.74 0.78 -18.67
N LEU A 283 -26.74 0.19 -19.32
CA LEU A 283 -26.96 -0.45 -20.61
C LEU A 283 -27.93 -1.62 -20.49
N ALA A 284 -27.81 -2.37 -19.41
CA ALA A 284 -28.72 -3.49 -19.20
C ALA A 284 -30.15 -2.97 -19.15
N THR A 285 -30.35 -1.87 -18.43
CA THR A 285 -31.68 -1.26 -18.32
C THR A 285 -32.13 -0.73 -19.67
N ASP A 286 -31.21 -0.12 -20.42
CA ASP A 286 -31.54 0.41 -21.74
C ASP A 286 -32.05 -0.72 -22.64
N ALA A 287 -31.46 -1.90 -22.47
CA ALA A 287 -31.83 -3.07 -23.26
C ALA A 287 -33.16 -3.67 -22.83
N GLY A 288 -33.57 -3.38 -21.61
CA GLY A 288 -34.84 -3.91 -21.13
C GLY A 288 -34.70 -4.96 -20.05
N PHE A 289 -33.47 -5.26 -19.67
CA PHE A 289 -33.21 -6.25 -18.64
C PHE A 289 -33.46 -5.65 -17.27
N ALA A 290 -33.95 -6.46 -16.35
CA ALA A 290 -34.18 -5.99 -14.99
C ALA A 290 -32.82 -6.10 -14.32
N VAL A 291 -32.46 -5.11 -13.51
CA VAL A 291 -31.19 -5.16 -12.81
C VAL A 291 -31.40 -5.10 -11.31
N GLU A 292 -30.41 -5.57 -10.57
CA GLU A 292 -30.48 -5.58 -9.13
C GLU A 292 -29.10 -5.55 -8.49
N GLU A 293 -28.92 -4.66 -7.52
CA GLU A 293 -27.66 -4.54 -6.79
C GLU A 293 -27.91 -5.08 -5.39
N ARG A 294 -27.54 -6.34 -5.16
CA ARG A 294 -27.74 -6.97 -3.85
C ARG A 294 -26.59 -7.89 -3.48
N LYS A 295 -26.66 -8.44 -2.28
CA LYS A 295 -25.65 -9.38 -1.82
C LYS A 295 -25.99 -10.75 -2.40
N ILE A 296 -24.98 -11.52 -2.77
CA ILE A 296 -25.20 -12.87 -3.29
C ILE A 296 -24.05 -13.72 -2.76
N ASP A 297 -24.40 -14.82 -2.07
CA ASP A 297 -23.39 -15.68 -1.49
C ASP A 297 -23.06 -16.93 -2.29
N VAL A 298 -21.95 -17.58 -1.93
CA VAL A 298 -21.50 -18.78 -2.64
C VAL A 298 -22.59 -19.84 -2.74
N ASP A 299 -23.32 -20.07 -1.65
CA ASP A 299 -24.38 -21.07 -1.63
C ASP A 299 -25.41 -20.85 -2.73
N GLU A 300 -25.93 -19.63 -2.83
CA GLU A 300 -26.92 -19.33 -3.87
C GLU A 300 -26.30 -19.46 -5.26
N TRP A 301 -25.06 -19.03 -5.40
CA TRP A 301 -24.34 -19.09 -6.68
C TRP A 301 -24.25 -20.53 -7.19
N GLN A 302 -23.66 -21.40 -6.38
CA GLN A 302 -23.51 -22.79 -6.79
C GLN A 302 -24.86 -23.46 -7.01
N LYS A 303 -25.79 -23.22 -6.09
CA LYS A 303 -27.14 -23.79 -6.17
C LYS A 303 -27.89 -23.41 -7.44
N LYS A 304 -28.00 -22.11 -7.71
CA LYS A 304 -28.70 -21.65 -8.89
C LYS A 304 -27.96 -21.92 -10.18
N ALA A 305 -26.63 -21.94 -10.14
CA ALA A 305 -25.84 -22.23 -11.33
C ALA A 305 -26.11 -23.67 -11.72
N GLY A 306 -26.00 -24.58 -10.75
CA GLY A 306 -26.26 -25.98 -11.02
C GLY A 306 -27.69 -26.19 -11.47
N ALA A 307 -28.60 -25.42 -10.88
CA ALA A 307 -30.02 -25.51 -11.21
C ALA A 307 -30.28 -25.00 -12.62
N GLY A 308 -29.46 -24.05 -13.07
CA GLY A 308 -29.64 -23.50 -14.40
C GLY A 308 -30.30 -22.14 -14.39
N GLU A 309 -30.59 -21.61 -13.21
CA GLU A 309 -31.21 -20.31 -13.11
C GLU A 309 -30.16 -19.26 -13.47
N ILE A 310 -28.95 -19.46 -12.95
CA ILE A 310 -27.85 -18.55 -13.26
C ILE A 310 -27.20 -19.11 -14.53
N THR A 311 -27.46 -18.44 -15.65
CA THR A 311 -26.96 -18.85 -16.95
C THR A 311 -25.58 -18.32 -17.32
N GLU A 312 -25.20 -17.18 -16.78
CA GLU A 312 -23.89 -16.62 -17.10
C GLU A 312 -23.35 -15.76 -15.96
N VAL A 313 -22.04 -15.59 -15.96
CA VAL A 313 -21.34 -14.78 -14.96
C VAL A 313 -20.20 -14.11 -15.72
N PHE A 314 -19.98 -12.83 -15.45
CA PHE A 314 -18.89 -12.14 -16.11
C PHE A 314 -18.31 -11.04 -15.23
N ALA A 315 -17.06 -10.70 -15.51
CA ALA A 315 -16.37 -9.66 -14.76
C ALA A 315 -16.22 -8.47 -15.70
N CYS A 316 -16.09 -7.28 -15.15
CA CYS A 316 -15.94 -6.09 -15.98
C CYS A 316 -14.95 -5.11 -15.39
N GLY A 317 -14.29 -4.38 -16.29
CA GLY A 317 -13.29 -3.40 -15.90
C GLY A 317 -12.76 -2.71 -17.13
N THR A 318 -12.16 -1.54 -16.96
CA THR A 318 -11.64 -0.78 -18.09
C THR A 318 -10.75 -1.58 -19.04
N ALA A 319 -9.72 -2.22 -18.50
CA ALA A 319 -8.77 -2.98 -19.33
C ALA A 319 -9.36 -4.06 -20.24
N ALA A 320 -10.06 -5.03 -19.65
CA ALA A 320 -10.64 -6.13 -20.42
C ALA A 320 -12.07 -5.89 -20.88
N VAL A 321 -12.69 -4.84 -20.34
CA VAL A 321 -14.08 -4.48 -20.63
C VAL A 321 -14.97 -5.51 -19.96
N ILE A 322 -15.12 -6.66 -20.61
CA ILE A 322 -15.91 -7.76 -20.07
C ILE A 322 -15.19 -9.09 -20.30
N THR A 323 -15.11 -9.88 -19.25
CA THR A 323 -14.46 -11.18 -19.29
C THR A 323 -15.44 -12.23 -18.78
N PRO A 324 -15.76 -13.25 -19.60
CA PRO A 324 -16.70 -14.29 -19.16
C PRO A 324 -16.10 -15.18 -18.07
N VAL A 325 -16.93 -15.63 -17.14
CA VAL A 325 -16.47 -16.53 -16.09
C VAL A 325 -17.22 -17.84 -16.36
N SER A 326 -16.48 -18.93 -16.51
CA SER A 326 -17.12 -20.19 -16.83
C SER A 326 -17.01 -21.29 -15.78
N HIS A 327 -16.02 -21.21 -14.91
CA HIS A 327 -15.83 -22.25 -13.92
C HIS A 327 -15.52 -21.67 -12.55
N VAL A 328 -16.05 -22.32 -11.50
CA VAL A 328 -15.86 -21.86 -10.13
C VAL A 328 -15.36 -22.98 -9.21
N LYS A 329 -14.34 -22.65 -8.42
CA LYS A 329 -13.75 -23.58 -7.47
C LYS A 329 -13.58 -22.86 -6.14
N HIS A 330 -13.91 -23.53 -5.05
CA HIS A 330 -13.78 -22.93 -3.74
C HIS A 330 -13.54 -23.99 -2.66
N HIS A 331 -13.30 -23.52 -1.44
CA HIS A 331 -13.00 -24.40 -0.32
C HIS A 331 -13.99 -25.55 -0.15
N ASP A 332 -15.25 -25.35 -0.52
CA ASP A 332 -16.25 -26.39 -0.33
C ASP A 332 -16.96 -26.92 -1.58
N GLY A 333 -16.39 -26.70 -2.76
CA GLY A 333 -17.04 -27.20 -3.95
C GLY A 333 -16.45 -26.74 -5.27
N GLU A 334 -17.07 -27.16 -6.36
CA GLU A 334 -16.63 -26.79 -7.69
C GLU A 334 -17.77 -27.01 -8.69
N PHE A 335 -17.98 -26.04 -9.56
CA PHE A 335 -19.04 -26.14 -10.55
C PHE A 335 -18.77 -25.27 -11.76
N THR A 336 -19.43 -25.61 -12.87
CA THR A 336 -19.28 -24.86 -14.09
C THR A 336 -20.55 -24.07 -14.34
N ILE A 337 -20.40 -22.95 -15.04
CA ILE A 337 -21.52 -22.08 -15.35
C ILE A 337 -21.99 -22.41 -16.75
N ALA A 338 -23.25 -22.85 -16.86
CA ALA A 338 -23.83 -23.20 -18.14
C ALA A 338 -22.94 -24.21 -18.86
N ASP A 339 -22.65 -23.96 -20.13
CA ASP A 339 -21.83 -24.85 -20.94
C ASP A 339 -20.33 -24.53 -20.90
N GLY A 340 -19.94 -23.59 -20.04
CA GLY A 340 -18.54 -23.22 -19.93
C GLY A 340 -18.10 -22.24 -20.99
N GLN A 341 -19.04 -21.78 -21.81
CA GLN A 341 -18.74 -20.83 -22.87
C GLN A 341 -19.31 -19.45 -22.57
N PRO A 342 -18.78 -18.41 -23.24
CA PRO A 342 -19.28 -17.04 -23.02
C PRO A 342 -20.77 -17.00 -23.30
N GLY A 343 -21.54 -16.41 -22.39
CA GLY A 343 -22.99 -16.35 -22.55
C GLY A 343 -23.47 -15.30 -23.54
N GLU A 344 -24.71 -15.46 -23.99
CA GLU A 344 -25.35 -14.55 -24.95
C GLU A 344 -25.38 -13.12 -24.45
N ILE A 345 -25.90 -12.97 -23.24
CA ILE A 345 -26.05 -11.65 -22.62
C ILE A 345 -24.69 -11.02 -22.39
N THR A 346 -23.74 -11.82 -21.91
CA THR A 346 -22.39 -11.34 -21.64
C THR A 346 -21.82 -10.70 -22.89
N MET A 347 -21.94 -11.40 -24.02
CA MET A 347 -21.40 -10.89 -25.27
C MET A 347 -22.23 -9.78 -25.89
N ALA A 348 -23.54 -9.80 -25.69
CA ALA A 348 -24.41 -8.78 -26.23
C ALA A 348 -24.04 -7.43 -25.60
N LEU A 349 -23.90 -7.43 -24.27
CA LEU A 349 -23.55 -6.22 -23.54
C LEU A 349 -22.12 -5.77 -23.88
N ARG A 350 -21.21 -6.71 -24.08
CA ARG A 350 -19.84 -6.33 -24.43
C ARG A 350 -19.80 -5.66 -25.80
N ASP A 351 -20.58 -6.19 -26.75
CA ASP A 351 -20.60 -5.60 -28.08
C ASP A 351 -21.21 -4.21 -28.05
N THR A 352 -22.23 -4.01 -27.21
CA THR A 352 -22.87 -2.71 -27.12
C THR A 352 -21.95 -1.68 -26.47
N LEU A 353 -21.32 -2.04 -25.35
CA LEU A 353 -20.42 -1.10 -24.69
C LEU A 353 -19.24 -0.74 -25.59
N THR A 354 -18.59 -1.73 -26.18
CA THR A 354 -17.46 -1.45 -27.06
C THR A 354 -17.92 -0.70 -28.29
N GLY A 355 -19.15 -0.96 -28.71
CA GLY A 355 -19.69 -0.28 -29.88
C GLY A 355 -19.81 1.20 -29.63
N ILE A 356 -20.28 1.57 -28.44
CA ILE A 356 -20.41 2.97 -28.08
C ILE A 356 -19.04 3.63 -28.02
N GLN A 357 -18.09 2.94 -27.39
CA GLN A 357 -16.74 3.47 -27.23
C GLN A 357 -16.05 3.69 -28.58
N ARG A 358 -16.33 2.83 -29.55
CA ARG A 358 -15.71 2.95 -30.86
C ARG A 358 -16.46 3.87 -31.83
N GLY A 359 -17.60 4.40 -31.39
CA GLY A 359 -18.37 5.29 -32.23
C GLY A 359 -19.34 4.58 -33.15
N THR A 360 -19.41 3.26 -33.01
CA THR A 360 -20.29 2.43 -33.82
C THR A 360 -21.76 2.62 -33.46
N PHE A 361 -22.06 2.60 -32.16
CA PHE A 361 -23.44 2.76 -31.70
C PHE A 361 -23.65 4.14 -31.06
N ALA A 362 -24.89 4.60 -31.10
CA ALA A 362 -25.23 5.90 -30.54
C ALA A 362 -24.88 6.02 -29.06
N ASP A 363 -24.31 7.15 -28.70
CA ASP A 363 -23.93 7.43 -27.31
C ASP A 363 -25.04 8.28 -26.68
N THR A 364 -26.15 7.64 -26.34
CA THR A 364 -27.30 8.36 -25.78
C THR A 364 -27.07 9.01 -24.43
N HIS A 365 -26.07 8.54 -23.69
CA HIS A 365 -25.81 9.11 -22.38
C HIS A 365 -24.68 10.13 -22.38
N GLY A 366 -24.19 10.47 -23.57
CA GLY A 366 -23.10 11.42 -23.67
C GLY A 366 -21.86 10.99 -22.89
N TRP A 367 -21.58 9.69 -22.93
CA TRP A 367 -20.42 9.16 -22.21
C TRP A 367 -19.10 9.48 -22.91
N MET A 368 -19.10 9.51 -24.23
CA MET A 368 -17.89 9.80 -24.99
C MET A 368 -17.59 11.29 -25.02
N ALA A 369 -16.34 11.64 -24.73
CA ALA A 369 -15.90 13.03 -24.72
C ALA A 369 -14.71 13.16 -25.67
N ARG A 370 -14.63 14.27 -26.41
CA ARG A 370 -13.54 14.47 -27.35
C ARG A 370 -12.28 14.96 -26.64
N LEU A 371 -11.13 14.40 -27.05
CA LEU A 371 -9.84 14.76 -26.46
C LEU A 371 -8.93 15.47 -27.46
N ASN A 372 -8.79 14.88 -28.64
CA ASN A 372 -7.95 15.42 -29.72
C ASN A 372 -6.55 15.87 -29.30
N LEU B 10 27.86 -12.13 -1.03
CA LEU B 10 27.85 -10.89 -1.87
C LEU B 10 28.97 -9.92 -1.53
N GLU B 11 29.61 -9.39 -2.56
CA GLU B 11 30.69 -8.43 -2.38
C GLU B 11 30.16 -7.03 -2.65
N PHE B 12 30.48 -6.10 -1.75
CA PHE B 12 30.05 -4.72 -1.89
C PHE B 12 31.16 -3.86 -2.47
N THR B 13 30.80 -2.97 -3.39
CA THR B 13 31.77 -2.05 -3.99
C THR B 13 31.44 -0.69 -3.37
N VAL B 14 32.44 0.16 -3.21
CA VAL B 14 32.22 1.46 -2.62
C VAL B 14 32.57 2.64 -3.52
N SER B 15 31.63 3.56 -3.67
CA SER B 15 31.82 4.76 -4.46
C SER B 15 31.64 5.90 -3.45
N ALA B 16 32.75 6.41 -2.94
CA ALA B 16 32.74 7.48 -1.95
C ALA B 16 32.00 8.73 -2.42
N ASN B 17 31.41 9.44 -1.45
CA ASN B 17 30.71 10.68 -1.74
C ASN B 17 31.79 11.76 -1.86
N THR B 18 31.91 12.36 -3.04
CA THR B 18 32.92 13.39 -3.28
C THR B 18 32.44 14.75 -2.75
N ASN B 19 31.16 14.82 -2.39
CA ASN B 19 30.59 16.05 -1.88
C ASN B 19 29.85 15.79 -0.56
N PRO B 20 30.56 15.23 0.43
CA PRO B 20 29.93 14.94 1.73
C PRO B 20 29.63 16.20 2.53
N ALA B 21 28.77 16.07 3.52
CA ALA B 21 28.41 17.20 4.36
C ALA B 21 29.65 17.68 5.09
N THR B 22 29.89 18.99 5.06
CA THR B 22 31.04 19.55 5.74
C THR B 22 30.93 19.19 7.22
N ASP B 23 32.05 19.30 7.94
CA ASP B 23 32.04 18.98 9.35
C ASP B 23 31.09 19.95 10.07
N ALA B 24 31.05 21.19 9.61
CA ALA B 24 30.19 22.19 10.21
C ALA B 24 28.74 21.74 10.15
N VAL B 25 28.31 21.32 8.97
CA VAL B 25 26.93 20.86 8.76
C VAL B 25 26.61 19.56 9.50
N ARG B 26 27.49 18.57 9.39
CA ARG B 26 27.26 17.29 10.06
C ARG B 26 27.13 17.48 11.57
N GLU B 27 27.99 18.31 12.14
CA GLU B 27 27.96 18.56 13.58
C GLU B 27 26.67 19.28 13.99
N SER B 28 26.25 20.26 13.19
CA SER B 28 25.04 21.00 13.50
C SER B 28 23.83 20.07 13.47
N ILE B 29 23.84 19.10 12.56
CA ILE B 29 22.74 18.14 12.45
C ILE B 29 22.70 17.23 13.67
N LEU B 30 23.85 16.68 14.04
CA LEU B 30 23.92 15.78 15.19
C LEU B 30 23.54 16.48 16.49
N ALA B 31 23.67 17.81 16.51
CA ALA B 31 23.33 18.59 17.69
C ALA B 31 21.83 18.79 17.83
N ASN B 32 21.10 18.61 16.73
CA ASN B 32 19.65 18.74 16.71
C ASN B 32 19.16 18.06 15.45
N PRO B 33 19.17 16.71 15.44
CA PRO B 33 18.74 15.91 14.29
C PRO B 33 17.25 15.65 14.14
N GLY B 34 16.51 15.68 15.24
CA GLY B 34 15.10 15.40 15.15
C GLY B 34 14.95 13.93 14.81
N PHE B 35 14.02 13.60 13.91
CA PHE B 35 13.85 12.21 13.52
C PHE B 35 13.51 12.08 12.03
N GLY B 36 14.24 11.21 11.35
CA GLY B 36 14.00 10.98 9.93
C GLY B 36 14.01 12.23 9.09
N LYS B 37 14.76 13.25 9.52
CA LYS B 37 14.85 14.50 8.78
C LYS B 37 16.13 14.60 7.96
N TYR B 38 17.25 14.23 8.56
CA TYR B 38 18.54 14.29 7.89
C TYR B 38 19.07 12.89 7.60
N TYR B 39 19.87 12.77 6.55
CA TYR B 39 20.44 11.49 6.17
C TYR B 39 21.95 11.57 6.04
N THR B 40 22.61 10.44 6.23
CA THR B 40 24.06 10.38 6.17
C THR B 40 24.58 10.55 4.74
N ASP B 41 25.90 10.55 4.60
CA ASP B 41 26.54 10.76 3.30
C ASP B 41 26.41 9.63 2.29
N HIS B 42 26.19 8.40 2.76
CA HIS B 42 26.07 7.27 1.84
C HIS B 42 24.82 6.45 2.09
N MET B 43 24.60 5.47 1.23
CA MET B 43 23.45 4.58 1.34
C MET B 43 23.86 3.29 0.66
N VAL B 44 23.23 2.18 1.04
CA VAL B 44 23.55 0.90 0.43
C VAL B 44 22.49 0.56 -0.62
N SER B 45 22.93 -0.06 -1.71
CA SER B 45 22.02 -0.43 -2.79
C SER B 45 22.34 -1.82 -3.33
N ILE B 46 21.31 -2.66 -3.47
CA ILE B 46 21.49 -4.01 -4.01
C ILE B 46 20.36 -4.24 -5.01
N ASP B 47 20.70 -4.69 -6.21
CA ASP B 47 19.69 -4.93 -7.23
C ASP B 47 19.25 -6.38 -7.29
N TYR B 48 18.04 -6.61 -7.79
CA TYR B 48 17.52 -7.95 -7.94
C TYR B 48 16.85 -8.16 -9.29
N THR B 49 17.24 -9.24 -9.96
CA THR B 49 16.65 -9.63 -11.23
C THR B 49 16.48 -11.12 -11.06
N VAL B 50 15.65 -11.74 -11.89
CA VAL B 50 15.41 -13.17 -11.78
C VAL B 50 16.64 -14.01 -12.13
N ASP B 51 17.30 -13.67 -13.23
CA ASP B 51 18.47 -14.43 -13.67
C ASP B 51 19.74 -14.22 -12.84
N GLU B 52 19.84 -13.07 -12.17
CA GLU B 52 21.02 -12.81 -11.36
C GLU B 52 20.75 -12.77 -9.86
N GLY B 53 19.47 -12.81 -9.48
CA GLY B 53 19.14 -12.78 -8.07
C GLY B 53 19.64 -11.46 -7.48
N TRP B 54 20.07 -11.48 -6.23
CA TRP B 54 20.59 -10.26 -5.60
C TRP B 54 22.03 -10.10 -6.07
N HIS B 55 22.36 -8.91 -6.57
CA HIS B 55 23.70 -8.64 -7.07
C HIS B 55 23.95 -7.14 -7.13
N ASN B 56 25.13 -6.77 -7.60
CA ASN B 56 25.51 -5.37 -7.73
C ASN B 56 25.34 -4.62 -6.41
N ALA B 57 25.82 -5.24 -5.35
CA ALA B 57 25.75 -4.65 -4.02
C ALA B 57 26.79 -3.54 -3.96
N GLN B 58 26.38 -2.36 -3.52
CA GLN B 58 27.32 -1.26 -3.46
C GLN B 58 26.96 -0.18 -2.46
N VAL B 59 28.00 0.53 -2.03
CA VAL B 59 27.84 1.65 -1.12
C VAL B 59 28.07 2.84 -2.01
N ILE B 60 27.07 3.70 -2.12
CA ILE B 60 27.17 4.87 -2.97
C ILE B 60 26.74 6.12 -2.23
N PRO B 61 27.00 7.30 -2.79
CA PRO B 61 26.63 8.56 -2.15
C PRO B 61 25.11 8.68 -1.99
N TYR B 62 24.66 9.25 -0.87
CA TYR B 62 23.22 9.41 -0.70
C TYR B 62 22.79 10.35 -1.81
N GLY B 63 21.76 9.98 -2.55
CA GLY B 63 21.32 10.85 -3.62
C GLY B 63 20.04 10.35 -4.25
N PRO B 64 19.40 11.16 -5.09
CA PRO B 64 18.15 10.75 -5.75
C PRO B 64 18.33 9.46 -6.54
N ILE B 65 17.31 8.62 -6.54
CA ILE B 65 17.36 7.38 -7.30
C ILE B 65 16.42 7.57 -8.48
N GLN B 66 16.59 6.75 -9.51
CA GLN B 66 15.74 6.86 -10.68
C GLN B 66 14.83 5.66 -10.86
N LEU B 67 13.61 5.92 -11.32
CA LEU B 67 12.66 4.85 -11.58
C LEU B 67 11.90 5.15 -12.85
N ASP B 68 11.53 4.09 -13.57
CA ASP B 68 10.75 4.26 -14.78
C ASP B 68 9.39 4.73 -14.26
N PRO B 69 8.68 5.56 -15.04
CA PRO B 69 7.37 6.04 -14.61
C PRO B 69 6.38 4.90 -14.33
N SER B 70 6.59 3.76 -15.00
CA SER B 70 5.70 2.62 -14.80
C SER B 70 6.22 1.59 -13.80
N ALA B 71 7.25 1.98 -13.04
CA ALA B 71 7.79 1.08 -12.03
C ALA B 71 6.64 0.60 -11.14
N ILE B 72 6.52 -0.70 -10.95
CA ILE B 72 5.45 -1.29 -10.15
C ILE B 72 5.20 -0.67 -8.78
N VAL B 73 6.27 -0.29 -8.08
CA VAL B 73 6.12 0.31 -6.76
C VAL B 73 5.31 1.61 -6.81
N LEU B 74 5.36 2.30 -7.95
CA LEU B 74 4.66 3.56 -8.10
C LEU B 74 3.20 3.40 -8.51
N HIS B 75 2.76 2.16 -8.70
CA HIS B 75 1.38 1.89 -9.11
C HIS B 75 0.63 0.90 -8.25
N TYR B 76 1.30 -0.17 -7.86
CA TYR B 76 0.67 -1.21 -7.06
C TYR B 76 1.32 -1.47 -5.70
N GLY B 77 1.91 -0.42 -5.15
CA GLY B 77 2.54 -0.44 -3.84
C GLY B 77 3.32 -1.64 -3.32
N GLN B 78 3.98 -2.39 -4.19
CA GLN B 78 4.75 -3.55 -3.73
C GLN B 78 6.05 -3.05 -3.14
N GLU B 79 6.07 -2.93 -1.81
CA GLU B 79 7.23 -2.44 -1.08
C GLU B 79 7.14 -2.89 0.37
N ILE B 80 8.28 -2.95 1.06
CA ILE B 80 8.29 -3.32 2.47
C ILE B 80 9.46 -2.59 3.11
N PHE B 81 9.46 -2.51 4.43
CA PHE B 81 10.56 -1.84 5.11
C PHE B 81 10.82 -2.39 6.49
N GLU B 82 11.90 -1.88 7.09
CA GLU B 82 12.31 -2.25 8.44
C GLU B 82 12.78 -1.00 9.18
N GLY B 83 12.98 -1.15 10.48
CA GLY B 83 13.43 -0.06 11.32
C GLY B 83 14.20 -0.58 12.51
N LEU B 84 15.46 -0.19 12.61
CA LEU B 84 16.32 -0.60 13.72
C LEU B 84 17.29 0.53 13.97
N LYS B 85 18.17 0.36 14.95
CA LYS B 85 19.11 1.42 15.30
C LYS B 85 20.56 0.99 15.47
N ALA B 86 21.45 1.96 15.33
CA ALA B 86 22.87 1.73 15.54
C ALA B 86 23.23 2.63 16.72
N TYR B 87 23.94 2.06 17.70
CA TYR B 87 24.31 2.81 18.88
C TYR B 87 25.84 2.81 19.08
N ARG B 88 26.36 3.93 19.52
CA ARG B 88 27.80 4.03 19.78
C ARG B 88 27.99 3.75 21.27
N TRP B 89 28.90 2.84 21.60
CA TRP B 89 29.14 2.50 22.99
C TRP B 89 30.37 3.21 23.54
N ALA B 90 30.53 3.19 24.86
CA ALA B 90 31.66 3.84 25.52
C ALA B 90 32.99 3.25 25.07
N ASP B 91 33.00 1.95 24.79
CA ASP B 91 34.24 1.29 24.36
C ASP B 91 34.60 1.65 22.93
N GLY B 92 33.80 2.51 22.31
CA GLY B 92 34.08 2.94 20.94
C GLY B 92 33.41 2.10 19.86
N SER B 93 32.83 0.97 20.25
CA SER B 93 32.18 0.10 19.28
C SER B 93 30.84 0.68 18.83
N ILE B 94 30.35 0.20 17.70
CA ILE B 94 29.06 0.62 17.17
C ILE B 94 28.28 -0.68 17.18
N VAL B 95 27.15 -0.69 17.87
CA VAL B 95 26.33 -1.89 17.98
C VAL B 95 24.89 -1.65 17.53
N SER B 96 24.11 -2.73 17.46
CA SER B 96 22.70 -2.64 17.07
C SER B 96 21.90 -3.60 17.93
N PHE B 97 20.63 -3.26 18.15
CA PHE B 97 19.74 -4.09 18.97
C PHE B 97 18.98 -5.12 18.13
N ARG B 98 19.23 -6.40 18.40
CA ARG B 98 18.58 -7.51 17.71
C ARG B 98 18.39 -7.35 16.20
N PRO B 99 19.46 -6.99 15.48
CA PRO B 99 19.38 -6.79 14.03
C PRO B 99 18.99 -8.07 13.28
N GLU B 100 19.32 -9.23 13.84
CA GLU B 100 18.99 -10.51 13.23
C GLU B 100 17.48 -10.69 13.16
N ALA B 101 16.78 -10.18 14.17
CA ALA B 101 15.32 -10.25 14.21
C ALA B 101 14.72 -9.39 13.10
N ASN B 102 15.32 -8.24 12.84
CA ASN B 102 14.81 -7.38 11.77
C ASN B 102 15.01 -8.06 10.42
N ALA B 103 16.16 -8.70 10.24
CA ALA B 103 16.47 -9.40 9.01
C ALA B 103 15.41 -10.47 8.78
N ALA B 104 15.06 -11.18 9.86
CA ALA B 104 14.06 -12.24 9.78
C ALA B 104 12.68 -11.68 9.48
N ARG B 105 12.36 -10.52 10.04
CA ARG B 105 11.03 -9.93 9.79
C ARG B 105 10.91 -9.39 8.37
N LEU B 106 11.99 -8.83 7.83
CA LEU B 106 11.94 -8.31 6.46
C LEU B 106 11.64 -9.49 5.53
N GLN B 107 12.14 -10.67 5.88
CA GLN B 107 11.89 -11.86 5.07
C GLN B 107 10.44 -12.26 5.20
N SER B 108 9.89 -12.09 6.40
CA SER B 108 8.49 -12.41 6.66
C SER B 108 7.58 -11.44 5.92
N SER B 109 7.96 -10.16 5.92
CA SER B 109 7.18 -9.15 5.22
C SER B 109 7.32 -9.42 3.70
N ALA B 110 8.52 -9.77 3.27
CA ALA B 110 8.75 -10.05 1.86
C ALA B 110 7.82 -11.16 1.36
N ARG B 111 7.75 -12.25 2.11
CA ARG B 111 6.90 -13.37 1.73
C ARG B 111 5.43 -12.98 1.62
N ARG B 112 4.93 -12.18 2.56
CA ARG B 112 3.53 -11.78 2.50
C ARG B 112 3.24 -10.86 1.31
N LEU B 113 4.25 -10.12 0.86
CA LEU B 113 4.08 -9.21 -0.26
C LEU B 113 4.65 -9.73 -1.59
N ALA B 114 4.92 -11.03 -1.65
CA ALA B 114 5.42 -11.66 -2.88
C ALA B 114 6.72 -11.01 -3.38
N ILE B 115 7.60 -10.67 -2.45
CA ILE B 115 8.88 -10.05 -2.77
C ILE B 115 9.98 -11.03 -2.39
N PRO B 116 11.02 -11.16 -3.23
CA PRO B 116 12.14 -12.08 -2.97
C PRO B 116 12.79 -11.76 -1.63
N GLU B 117 13.05 -12.80 -0.84
CA GLU B 117 13.67 -12.61 0.45
C GLU B 117 15.15 -12.28 0.29
N LEU B 118 15.65 -11.42 1.19
CA LEU B 118 17.05 -11.03 1.18
C LEU B 118 17.70 -11.86 2.28
N PRO B 119 18.77 -12.58 1.94
CA PRO B 119 19.49 -13.41 2.92
C PRO B 119 19.84 -12.62 4.18
N GLU B 120 19.61 -13.19 5.35
CA GLU B 120 19.93 -12.51 6.61
C GLU B 120 21.39 -12.05 6.64
N GLU B 121 22.27 -12.86 6.05
CA GLU B 121 23.69 -12.53 6.01
C GLU B 121 23.95 -11.25 5.23
N VAL B 122 23.19 -11.06 4.16
CA VAL B 122 23.33 -9.87 3.31
C VAL B 122 22.76 -8.65 4.04
N PHE B 123 21.66 -8.87 4.76
CA PHE B 123 21.02 -7.78 5.50
C PHE B 123 22.04 -7.23 6.51
N ILE B 124 22.54 -8.10 7.37
CA ILE B 124 23.51 -7.70 8.37
C ILE B 124 24.72 -7.03 7.73
N GLU B 125 25.15 -7.56 6.59
CA GLU B 125 26.31 -7.01 5.92
C GLU B 125 26.09 -5.57 5.45
N SER B 126 24.90 -5.29 4.92
CA SER B 126 24.61 -3.95 4.44
C SER B 126 24.73 -3.00 5.62
N LEU B 127 24.29 -3.43 6.79
CA LEU B 127 24.37 -2.62 7.99
C LEU B 127 25.83 -2.29 8.31
N ARG B 128 26.69 -3.32 8.28
CA ARG B 128 28.11 -3.14 8.57
C ARG B 128 28.77 -2.21 7.54
N GLN B 129 28.43 -2.41 6.28
CA GLN B 129 28.97 -1.63 5.18
C GLN B 129 28.66 -0.15 5.28
N LEU B 130 27.43 0.19 5.62
CA LEU B 130 27.05 1.59 5.74
C LEU B 130 27.72 2.25 6.92
N ILE B 131 27.78 1.55 8.05
CA ILE B 131 28.41 2.09 9.24
C ILE B 131 29.91 2.28 8.99
N ALA B 132 30.47 1.45 8.12
CA ALA B 132 31.88 1.51 7.79
C ALA B 132 32.27 2.86 7.21
N VAL B 133 31.42 3.43 6.37
CA VAL B 133 31.70 4.73 5.76
C VAL B 133 31.04 5.91 6.46
N ASP B 134 29.93 5.66 7.14
CA ASP B 134 29.23 6.76 7.81
C ASP B 134 29.27 6.70 9.35
N GLU B 135 30.29 6.04 9.89
CA GLU B 135 30.43 5.94 11.34
C GLU B 135 30.39 7.30 12.03
N LYS B 136 30.91 8.32 11.36
CA LYS B 136 30.94 9.67 11.92
C LYS B 136 29.54 10.24 12.17
N TRP B 137 28.52 9.61 11.60
CA TRP B 137 27.15 10.08 11.78
C TRP B 137 26.43 9.44 12.96
N VAL B 138 27.10 8.49 13.62
CA VAL B 138 26.52 7.83 14.78
C VAL B 138 26.74 8.75 15.97
N PRO B 139 25.67 9.09 16.70
CA PRO B 139 25.75 9.98 17.86
C PRO B 139 26.76 9.52 18.92
N PRO B 140 27.14 10.42 19.84
CA PRO B 140 28.09 10.10 20.90
C PRO B 140 27.51 9.08 21.88
N ALA B 141 28.38 8.41 22.63
CA ALA B 141 27.95 7.42 23.60
C ALA B 141 27.48 8.11 24.88
N GLY B 142 26.90 7.33 25.79
CA GLY B 142 26.43 7.88 27.05
C GLY B 142 25.13 8.66 26.99
N GLY B 143 24.55 8.78 25.81
CA GLY B 143 23.31 9.51 25.66
C GLY B 143 22.19 8.62 25.15
N GLU B 144 21.05 9.25 24.85
CA GLU B 144 19.89 8.51 24.35
C GLU B 144 19.69 8.68 22.85
N GLU B 145 20.61 9.39 22.20
CA GLU B 145 20.55 9.60 20.76
C GLU B 145 21.03 8.35 20.03
N SER B 146 20.76 8.26 18.73
CA SER B 146 21.19 7.11 17.96
C SER B 146 21.12 7.38 16.46
N LEU B 147 21.46 6.36 15.68
CA LEU B 147 21.40 6.46 14.23
C LEU B 147 20.34 5.48 13.79
N TYR B 148 19.22 5.99 13.28
CA TYR B 148 18.13 5.15 12.82
C TYR B 148 18.47 4.54 11.46
N LEU B 149 18.31 3.23 11.36
CA LEU B 149 18.61 2.53 10.11
C LEU B 149 17.28 2.13 9.48
N ARG B 150 17.13 2.47 8.20
CA ARG B 150 15.92 2.15 7.47
C ARG B 150 16.18 1.29 6.24
N PRO B 151 16.03 -0.04 6.37
CA PRO B 151 16.23 -0.93 5.23
C PRO B 151 14.89 -1.00 4.53
N PHE B 152 14.89 -1.09 3.20
CA PHE B 152 13.64 -1.22 2.47
C PHE B 152 13.85 -1.80 1.09
N VAL B 153 12.78 -2.38 0.55
CA VAL B 153 12.82 -3.00 -0.76
C VAL B 153 11.64 -2.48 -1.57
N ILE B 154 11.92 -2.08 -2.82
CA ILE B 154 10.88 -1.56 -3.70
C ILE B 154 10.89 -2.30 -5.03
N ALA B 155 9.70 -2.50 -5.60
CA ALA B 155 9.55 -3.15 -6.90
C ALA B 155 9.85 -2.11 -7.97
N THR B 156 10.85 -2.38 -8.81
CA THR B 156 11.27 -1.44 -9.83
C THR B 156 10.99 -1.79 -11.28
N GLU B 157 10.49 -2.98 -11.53
CA GLU B 157 10.21 -3.38 -12.91
C GLU B 157 9.09 -2.56 -13.54
N PRO B 158 9.30 -2.06 -14.76
CA PRO B 158 8.24 -1.28 -15.41
C PRO B 158 7.15 -2.24 -15.88
N GLY B 159 5.98 -1.72 -16.20
CA GLY B 159 4.88 -2.57 -16.64
C GLY B 159 3.64 -2.31 -15.82
N LEU B 160 2.53 -2.01 -16.49
CA LEU B 160 1.28 -1.71 -15.80
C LEU B 160 0.41 -2.93 -15.50
N GLY B 161 0.86 -4.12 -15.89
CA GLY B 161 0.09 -5.32 -15.59
C GLY B 161 0.21 -5.61 -14.11
N VAL B 162 -0.86 -6.14 -13.50
CA VAL B 162 -0.82 -6.44 -12.07
C VAL B 162 -0.24 -7.83 -11.78
N ARG B 163 0.91 -7.87 -11.13
CA ARG B 163 1.55 -9.12 -10.79
C ARG B 163 2.84 -8.83 -10.03
N PRO B 164 3.40 -9.82 -9.33
CA PRO B 164 4.64 -9.58 -8.59
C PRO B 164 5.75 -9.11 -9.53
N SER B 165 6.52 -8.12 -9.09
CA SER B 165 7.62 -7.60 -9.88
C SER B 165 8.71 -8.66 -10.04
N ASN B 166 9.53 -8.51 -11.07
CA ASN B 166 10.64 -9.44 -11.28
C ASN B 166 11.97 -8.70 -11.10
N GLU B 167 11.87 -7.41 -10.81
CA GLU B 167 13.06 -6.60 -10.57
C GLU B 167 12.83 -5.83 -9.28
N TYR B 168 13.82 -5.83 -8.39
CA TYR B 168 13.69 -5.11 -7.13
C TYR B 168 14.98 -4.39 -6.77
N ARG B 169 14.87 -3.48 -5.80
CA ARG B 169 16.03 -2.75 -5.32
C ARG B 169 15.94 -2.64 -3.81
N TYR B 170 17.00 -3.07 -3.14
CA TYR B 170 17.09 -2.99 -1.69
C TYR B 170 17.94 -1.76 -1.43
N LEU B 171 17.48 -0.90 -0.53
CA LEU B 171 18.23 0.31 -0.19
C LEU B 171 18.33 0.41 1.31
N LEU B 172 19.45 0.93 1.79
CA LEU B 172 19.65 1.11 3.21
C LEU B 172 20.11 2.54 3.44
N ILE B 173 19.28 3.30 4.15
CA ILE B 173 19.62 4.68 4.45
C ILE B 173 19.64 4.83 5.96
N ALA B 174 20.30 5.87 6.43
CA ALA B 174 20.43 6.11 7.85
C ALA B 174 20.09 7.56 8.17
N SER B 175 19.45 7.78 9.32
CA SER B 175 19.07 9.12 9.72
C SER B 175 19.32 9.33 11.21
N PRO B 176 20.16 10.32 11.56
CA PRO B 176 20.42 10.54 12.97
C PRO B 176 19.12 10.81 13.73
N ALA B 177 19.04 10.33 14.96
CA ALA B 177 17.85 10.51 15.78
C ALA B 177 18.23 10.92 17.19
N GLY B 178 17.91 12.16 17.55
CA GLY B 178 18.22 12.65 18.88
C GLY B 178 17.27 12.09 19.93
N ALA B 179 17.47 12.49 21.19
CA ALA B 179 16.61 12.03 22.27
C ALA B 179 15.15 12.27 21.90
N TYR B 180 14.36 11.20 21.92
CA TYR B 180 12.94 11.29 21.56
C TYR B 180 12.22 12.29 22.45
N PHE B 181 12.35 12.10 23.77
CA PHE B 181 11.71 13.00 24.73
C PHE B 181 12.72 14.01 25.26
N LYS B 182 12.94 15.06 24.48
CA LYS B 182 13.87 16.14 24.82
C LYS B 182 13.81 16.59 26.28
N GLY B 183 12.65 17.10 26.69
CA GLY B 183 12.50 17.55 28.06
C GLY B 183 11.64 16.63 28.90
N GLY B 184 12.21 15.50 29.30
CA GLY B 184 11.46 14.54 30.11
C GLY B 184 10.40 13.81 29.30
N ILE B 185 10.20 12.53 29.60
CA ILE B 185 9.22 11.73 28.89
C ILE B 185 7.82 12.31 29.09
N LYS B 186 6.99 12.23 28.04
CA LYS B 186 5.63 12.77 28.13
C LYS B 186 4.59 11.75 27.64
N PRO B 187 3.54 11.51 28.44
CA PRO B 187 2.48 10.55 28.08
C PRO B 187 1.56 11.10 27.00
N VAL B 188 0.95 10.19 26.22
CA VAL B 188 0.05 10.61 25.15
C VAL B 188 -1.40 10.21 25.40
N SER B 189 -2.31 10.89 24.72
CA SER B 189 -3.73 10.59 24.83
C SER B 189 -4.06 9.82 23.56
N VAL B 190 -5.01 8.90 23.65
CA VAL B 190 -5.37 8.10 22.49
C VAL B 190 -6.86 8.13 22.19
N TRP B 191 -7.18 8.02 20.91
CA TRP B 191 -8.57 7.96 20.44
C TRP B 191 -8.74 6.56 19.88
N LEU B 192 -9.67 5.78 20.42
CA LEU B 192 -9.89 4.45 19.89
C LEU B 192 -10.73 4.60 18.63
N SER B 193 -10.19 4.17 17.49
CA SER B 193 -10.89 4.32 16.22
C SER B 193 -12.15 3.49 16.10
N HIS B 194 -13.27 4.19 15.91
CA HIS B 194 -14.58 3.57 15.77
C HIS B 194 -14.86 3.37 14.29
N GLU B 195 -14.31 4.26 13.47
CA GLU B 195 -14.53 4.23 12.02
C GLU B 195 -13.49 3.51 11.16
N TYR B 196 -12.25 3.38 11.64
CA TYR B 196 -11.24 2.72 10.83
C TYR B 196 -10.58 1.50 11.46
N VAL B 197 -10.04 0.65 10.59
CA VAL B 197 -9.34 -0.56 11.02
C VAL B 197 -7.94 -0.51 10.43
N ARG B 198 -6.97 -1.07 11.14
CA ARG B 198 -5.60 -1.08 10.66
C ARG B 198 -5.35 -2.25 9.71
N ALA B 199 -6.11 -3.33 9.89
CA ALA B 199 -5.98 -4.50 9.05
C ALA B 199 -7.06 -5.51 9.42
N SER B 200 -7.26 -6.49 8.53
CA SER B 200 -8.25 -7.53 8.76
C SER B 200 -7.60 -8.91 8.71
N PRO B 201 -8.21 -9.90 9.37
CA PRO B 201 -7.67 -11.26 9.39
C PRO B 201 -7.19 -11.71 8.01
N GLY B 202 -5.98 -12.26 7.98
CA GLY B 202 -5.41 -12.73 6.73
C GLY B 202 -4.78 -11.62 5.91
N GLY B 203 -5.14 -10.37 6.20
CA GLY B 203 -4.59 -9.24 5.48
C GLY B 203 -3.10 -9.09 5.61
N THR B 204 -2.60 -7.85 5.52
CA THR B 204 -1.16 -7.59 5.63
C THR B 204 -0.77 -6.94 6.95
N GLY B 205 -1.61 -7.08 7.96
CA GLY B 205 -1.33 -6.47 9.25
C GLY B 205 -0.06 -6.96 9.93
N ALA B 206 0.35 -8.20 9.64
CA ALA B 206 1.55 -8.75 10.26
C ALA B 206 2.84 -8.48 9.47
N ALA B 207 2.74 -7.64 8.43
CA ALA B 207 3.91 -7.30 7.62
C ALA B 207 4.22 -5.80 7.70
N LYS B 208 5.50 -5.46 7.67
CA LYS B 208 5.92 -4.06 7.70
C LYS B 208 5.88 -3.65 6.25
N PHE B 209 4.71 -3.19 5.85
CA PHE B 209 4.40 -2.83 4.48
C PHE B 209 3.80 -1.43 4.38
N GLY B 210 4.35 -0.62 3.48
CA GLY B 210 3.90 0.75 3.30
C GLY B 210 2.39 0.95 3.22
N GLY B 211 1.72 0.06 2.50
CA GLY B 211 0.27 0.16 2.36
C GLY B 211 -0.46 0.32 3.67
N ASN B 212 -0.04 -0.43 4.69
CA ASN B 212 -0.69 -0.34 6.01
C ASN B 212 -0.68 1.08 6.53
N TYR B 213 0.42 1.79 6.30
CA TYR B 213 0.57 3.16 6.78
C TYR B 213 -0.19 4.22 6.01
N ALA B 214 -0.23 4.11 4.67
CA ALA B 214 -0.97 5.08 3.88
C ALA B 214 -2.44 4.98 4.25
N ALA B 215 -2.91 3.76 4.48
CA ALA B 215 -4.32 3.51 4.81
C ALA B 215 -4.71 4.07 6.18
N SER B 216 -3.74 4.24 7.06
CA SER B 216 -4.01 4.72 8.42
C SER B 216 -4.01 6.23 8.60
N LEU B 217 -3.58 6.97 7.59
CA LEU B 217 -3.50 8.43 7.70
C LEU B 217 -4.79 9.13 8.14
N LEU B 218 -5.92 8.78 7.53
CA LEU B 218 -7.19 9.38 7.88
C LEU B 218 -7.61 9.10 9.31
N ALA B 219 -7.33 7.90 9.79
CA ALA B 219 -7.69 7.52 11.15
C ALA B 219 -6.90 8.33 12.18
N GLN B 220 -5.64 8.63 11.86
CA GLN B 220 -4.79 9.40 12.77
C GLN B 220 -5.25 10.85 12.76
N ALA B 221 -5.58 11.37 11.59
CA ALA B 221 -6.05 12.73 11.48
C ALA B 221 -7.33 12.87 12.33
N GLN B 222 -8.16 11.83 12.29
CA GLN B 222 -9.40 11.83 13.05
C GLN B 222 -9.12 11.80 14.56
N ALA B 223 -8.13 11.01 14.96
CA ALA B 223 -7.77 10.95 16.37
C ALA B 223 -7.41 12.36 16.86
N ALA B 224 -6.63 13.08 16.05
CA ALA B 224 -6.22 14.43 16.40
C ALA B 224 -7.43 15.35 16.44
N GLU B 225 -8.35 15.16 15.49
CA GLU B 225 -9.56 15.98 15.41
C GLU B 225 -10.46 15.78 16.61
N MET B 226 -10.32 14.63 17.27
CA MET B 226 -11.10 14.31 18.46
C MET B 226 -10.35 14.83 19.68
N GLY B 227 -9.24 15.51 19.44
CA GLY B 227 -8.46 16.07 20.53
C GLY B 227 -7.46 15.13 21.17
N CYS B 228 -7.07 14.08 20.46
CA CYS B 228 -6.12 13.11 21.01
C CYS B 228 -4.80 13.09 20.22
N ASP B 229 -3.74 12.61 20.87
CA ASP B 229 -2.43 12.56 20.22
C ASP B 229 -2.28 11.43 19.21
N GLN B 230 -2.70 10.24 19.59
CA GLN B 230 -2.55 9.07 18.74
C GLN B 230 -3.81 8.23 18.59
N VAL B 231 -3.93 7.52 17.48
CA VAL B 231 -5.07 6.66 17.24
C VAL B 231 -4.74 5.26 17.72
N VAL B 232 -5.71 4.60 18.34
CA VAL B 232 -5.53 3.23 18.81
C VAL B 232 -6.48 2.35 18.01
N TRP B 233 -5.96 1.21 17.57
CA TRP B 233 -6.74 0.28 16.75
C TRP B 233 -7.47 -0.82 17.53
N LEU B 234 -8.69 -1.11 17.08
CA LEU B 234 -9.50 -2.17 17.69
C LEU B 234 -9.66 -3.23 16.58
N ASP B 235 -9.89 -4.50 16.96
CA ASP B 235 -10.02 -5.56 15.97
C ASP B 235 -11.11 -5.30 14.93
N ALA B 236 -10.86 -5.73 13.69
CA ALA B 236 -11.79 -5.52 12.59
C ALA B 236 -13.05 -6.40 12.62
N ILE B 237 -13.01 -7.46 13.41
CA ILE B 237 -14.12 -8.40 13.50
C ILE B 237 -15.23 -7.96 14.46
N GLU B 238 -14.91 -7.89 15.74
CA GLU B 238 -15.89 -7.50 16.76
C GLU B 238 -15.78 -6.03 17.15
N ARG B 239 -14.75 -5.37 16.66
CA ARG B 239 -14.53 -3.95 16.94
C ARG B 239 -14.53 -3.68 18.45
N ARG B 240 -13.91 -4.56 19.23
CA ARG B 240 -13.88 -4.41 20.68
C ARG B 240 -12.52 -4.69 21.30
N TYR B 241 -11.73 -5.56 20.67
CA TYR B 241 -10.42 -5.92 21.20
C TYR B 241 -9.31 -4.97 20.80
N VAL B 242 -8.62 -4.44 21.80
CA VAL B 242 -7.53 -3.50 21.58
C VAL B 242 -6.33 -4.17 20.92
N GLU B 243 -5.77 -3.53 19.91
CA GLU B 243 -4.62 -4.08 19.20
C GLU B 243 -3.34 -3.28 19.37
N GLU B 244 -3.28 -2.13 18.71
CA GLU B 244 -2.09 -1.28 18.77
C GLU B 244 -2.39 0.22 18.75
N MET B 245 -1.34 1.01 18.99
CA MET B 245 -1.46 2.46 18.97
C MET B 245 -0.59 2.92 17.80
N GLY B 246 -1.25 3.37 16.73
CA GLY B 246 -0.50 3.80 15.56
C GLY B 246 0.34 2.62 15.15
N GLY B 247 1.64 2.84 14.97
CA GLY B 247 2.52 1.74 14.59
C GLY B 247 3.33 1.26 15.78
N MET B 248 2.68 1.11 16.93
CA MET B 248 3.34 0.64 18.15
C MET B 248 2.47 -0.36 18.90
N ASN B 249 3.10 -1.34 19.55
CA ASN B 249 2.33 -2.33 20.31
C ASN B 249 1.90 -1.74 21.64
N LEU B 250 0.95 -2.41 22.31
CA LEU B 250 0.44 -1.94 23.60
C LEU B 250 0.58 -2.94 24.76
N PHE B 251 0.77 -2.39 25.95
CA PHE B 251 0.89 -3.19 27.17
C PHE B 251 0.01 -2.58 28.25
N PHE B 252 -0.54 -3.44 29.10
CA PHE B 252 -1.38 -3.01 30.20
C PHE B 252 -0.77 -3.52 31.49
N VAL B 253 -0.64 -2.62 32.47
CA VAL B 253 -0.07 -3.01 33.74
C VAL B 253 -1.16 -3.13 34.80
N PHE B 254 -1.26 -4.32 35.39
CA PHE B 254 -2.24 -4.58 36.44
C PHE B 254 -1.51 -4.59 37.77
N GLY B 255 -1.99 -3.78 38.71
CA GLY B 255 -1.36 -3.73 40.01
C GLY B 255 -0.07 -2.93 39.96
N SER B 256 0.78 -3.12 40.96
CA SER B 256 2.04 -2.41 41.02
C SER B 256 3.04 -3.16 41.89
N GLY B 257 4.25 -2.62 41.98
CA GLY B 257 5.27 -3.27 42.78
C GLY B 257 5.77 -4.53 42.09
N GLY B 258 6.50 -5.35 42.82
CA GLY B 258 7.03 -6.58 42.25
C GLY B 258 5.97 -7.59 41.84
N SER B 259 4.78 -7.48 42.42
CA SER B 259 3.71 -8.41 42.10
C SER B 259 2.85 -7.96 40.93
N ALA B 260 3.25 -6.86 40.29
CA ALA B 260 2.49 -6.35 39.15
C ALA B 260 2.43 -7.39 38.04
N ARG B 261 1.37 -7.31 37.22
CA ARG B 261 1.19 -8.24 36.11
C ARG B 261 1.06 -7.47 34.80
N LEU B 262 1.63 -8.02 33.73
CA LEU B 262 1.56 -7.38 32.42
C LEU B 262 0.70 -8.18 31.46
N VAL B 263 -0.14 -7.45 30.73
CA VAL B 263 -1.03 -8.05 29.75
C VAL B 263 -0.83 -7.31 28.43
N THR B 264 -0.73 -8.07 27.35
CA THR B 264 -0.56 -7.47 26.03
C THR B 264 -1.33 -8.32 25.02
N PRO B 265 -1.96 -7.68 24.03
CA PRO B 265 -2.73 -8.39 23.00
C PRO B 265 -1.89 -9.50 22.37
N GLU B 266 -2.47 -10.70 22.25
CA GLU B 266 -1.73 -11.82 21.68
C GLU B 266 -1.57 -11.67 20.17
N LEU B 267 -0.58 -12.35 19.61
CA LEU B 267 -0.33 -12.30 18.16
C LEU B 267 -1.43 -13.08 17.45
N SER B 268 -2.57 -12.41 17.25
CA SER B 268 -3.72 -13.02 16.60
C SER B 268 -3.48 -13.39 15.14
N GLY B 269 -2.40 -12.87 14.56
CA GLY B 269 -2.11 -13.17 13.18
C GLY B 269 -2.21 -11.91 12.34
N SER B 270 -2.94 -10.92 12.86
CA SER B 270 -3.08 -9.65 12.17
C SER B 270 -2.25 -8.57 12.87
N LEU B 271 -1.86 -8.84 14.10
CA LEU B 271 -1.05 -7.91 14.89
C LEU B 271 0.37 -7.98 14.34
N LEU B 272 1.12 -6.88 14.44
CA LEU B 272 2.49 -6.87 13.95
C LEU B 272 3.40 -7.30 15.10
N PRO B 273 4.16 -8.40 14.92
CA PRO B 273 5.06 -8.91 15.95
C PRO B 273 6.21 -7.93 16.22
N GLY B 274 5.95 -6.95 17.07
CA GLY B 274 6.97 -5.98 17.38
C GLY B 274 8.15 -6.61 18.10
N ILE B 275 9.36 -6.17 17.75
CA ILE B 275 10.57 -6.69 18.37
C ILE B 275 10.71 -6.10 19.77
N THR B 276 10.29 -4.84 19.92
CA THR B 276 10.36 -4.18 21.21
C THR B 276 9.41 -4.93 22.13
N ARG B 277 8.24 -5.27 21.60
CA ARG B 277 7.21 -6.02 22.33
C ARG B 277 7.78 -7.36 22.82
N ASP B 278 8.38 -8.11 21.90
CA ASP B 278 8.97 -9.41 22.23
C ASP B 278 9.99 -9.24 23.36
N SER B 279 10.84 -8.24 23.23
CA SER B 279 11.88 -7.97 24.22
C SER B 279 11.29 -7.64 25.60
N LEU B 280 10.28 -6.79 25.62
CA LEU B 280 9.66 -6.38 26.89
C LEU B 280 9.00 -7.52 27.65
N LEU B 281 8.39 -8.46 26.93
CA LEU B 281 7.74 -9.59 27.58
C LEU B 281 8.81 -10.40 28.32
N GLN B 282 9.98 -10.52 27.71
CA GLN B 282 11.09 -11.25 28.29
C GLN B 282 11.67 -10.49 29.49
N LEU B 283 11.83 -9.17 29.33
CA LEU B 283 12.37 -8.37 30.42
C LEU B 283 11.41 -8.35 31.59
N ALA B 284 10.11 -8.34 31.30
CA ALA B 284 9.11 -8.36 32.36
C ALA B 284 9.27 -9.64 33.17
N THR B 285 9.51 -10.74 32.46
CA THR B 285 9.70 -12.04 33.10
C THR B 285 10.98 -12.05 33.94
N ASP B 286 12.03 -11.42 33.40
CA ASP B 286 13.31 -11.36 34.10
C ASP B 286 13.16 -10.63 35.42
N ALA B 287 12.31 -9.61 35.44
CA ALA B 287 12.09 -8.84 36.66
C ALA B 287 11.19 -9.59 37.64
N GLY B 288 10.58 -10.67 37.16
CA GLY B 288 9.71 -11.44 38.02
C GLY B 288 8.25 -11.04 37.89
N PHE B 289 7.92 -10.32 36.82
CA PHE B 289 6.54 -9.90 36.59
C PHE B 289 5.82 -11.00 35.82
N ALA B 290 4.59 -11.27 36.21
CA ALA B 290 3.80 -12.27 35.51
C ALA B 290 3.34 -11.61 34.22
N VAL B 291 3.35 -12.35 33.12
CA VAL B 291 2.91 -11.79 31.85
C VAL B 291 1.80 -12.60 31.18
N GLU B 292 1.00 -11.93 30.37
CA GLU B 292 -0.10 -12.57 29.66
C GLU B 292 -0.23 -12.02 28.25
N GLU B 293 -0.43 -12.93 27.30
CA GLU B 293 -0.64 -12.54 25.91
C GLU B 293 -2.06 -13.01 25.61
N ARG B 294 -3.02 -12.10 25.73
CA ARG B 294 -4.42 -12.42 25.49
C ARG B 294 -5.19 -11.24 24.92
N LYS B 295 -6.47 -11.48 24.64
CA LYS B 295 -7.33 -10.45 24.09
C LYS B 295 -7.84 -9.59 25.25
N ILE B 296 -7.99 -8.30 25.02
CA ILE B 296 -8.52 -7.40 26.04
C ILE B 296 -9.38 -6.36 25.33
N ASP B 297 -10.63 -6.23 25.75
CA ASP B 297 -11.53 -5.28 25.13
C ASP B 297 -11.67 -3.96 25.87
N VAL B 298 -12.31 -3.00 25.22
CA VAL B 298 -12.51 -1.67 25.76
C VAL B 298 -13.25 -1.71 27.10
N ASP B 299 -14.29 -2.52 27.20
CA ASP B 299 -15.06 -2.62 28.44
C ASP B 299 -14.17 -2.98 29.62
N GLU B 300 -13.32 -4.00 29.47
CA GLU B 300 -12.42 -4.39 30.55
C GLU B 300 -11.43 -3.26 30.85
N TRP B 301 -10.89 -2.67 29.79
CA TRP B 301 -9.91 -1.58 29.93
C TRP B 301 -10.47 -0.45 30.78
N GLN B 302 -11.60 0.12 30.37
CA GLN B 302 -12.19 1.22 31.12
C GLN B 302 -12.65 0.80 32.52
N LYS B 303 -13.29 -0.36 32.62
CA LYS B 303 -13.78 -0.83 33.91
C LYS B 303 -12.66 -1.01 34.94
N LYS B 304 -11.63 -1.76 34.58
CA LYS B 304 -10.52 -2.02 35.50
C LYS B 304 -9.60 -0.82 35.69
N ALA B 305 -9.54 0.07 34.72
CA ALA B 305 -8.71 1.25 34.85
C ALA B 305 -9.37 2.16 35.88
N GLY B 306 -10.70 2.21 35.83
CA GLY B 306 -11.45 3.02 36.77
C GLY B 306 -11.42 2.44 38.18
N ALA B 307 -11.40 1.11 38.26
CA ALA B 307 -11.36 0.43 39.56
C ALA B 307 -9.96 0.45 40.14
N GLY B 308 -9.00 0.96 39.37
CA GLY B 308 -7.63 1.03 39.84
C GLY B 308 -6.84 -0.25 39.70
N GLU B 309 -7.41 -1.26 39.04
CA GLU B 309 -6.72 -2.53 38.85
C GLU B 309 -5.66 -2.35 37.75
N ILE B 310 -6.03 -1.64 36.70
CA ILE B 310 -5.10 -1.35 35.62
C ILE B 310 -4.47 -0.04 36.04
N THR B 311 -3.19 -0.10 36.39
CA THR B 311 -2.45 1.07 36.85
C THR B 311 -1.68 1.82 35.78
N GLU B 312 -1.35 1.14 34.69
CA GLU B 312 -0.59 1.79 33.63
C GLU B 312 -0.81 1.17 32.26
N VAL B 313 -0.54 1.97 31.25
CA VAL B 313 -0.65 1.55 29.85
C VAL B 313 0.47 2.26 29.12
N PHE B 314 1.18 1.53 28.26
CA PHE B 314 2.24 2.13 27.48
C PHE B 314 2.34 1.48 26.11
N ALA B 315 2.87 2.23 25.15
CA ALA B 315 3.04 1.72 23.80
C ALA B 315 4.53 1.53 23.59
N CYS B 316 4.90 0.63 22.69
CA CYS B 316 6.31 0.37 22.43
C CYS B 316 6.62 0.17 20.96
N GLY B 317 7.86 0.49 20.59
CA GLY B 317 8.31 0.38 19.22
C GLY B 317 9.75 0.87 19.15
N THR B 318 10.42 0.63 18.03
CA THR B 318 11.82 1.03 17.88
C THR B 318 12.16 2.51 18.07
N ALA B 319 11.46 3.39 17.37
CA ALA B 319 11.72 4.83 17.45
C ALA B 319 11.62 5.44 18.84
N ALA B 320 10.49 5.23 19.51
CA ALA B 320 10.28 5.80 20.84
C ALA B 320 10.61 4.86 22.00
N VAL B 321 10.80 3.59 21.67
CA VAL B 321 11.07 2.53 22.65
C VAL B 321 9.79 2.30 23.46
N ILE B 322 9.51 3.22 24.37
CA ILE B 322 8.30 3.14 25.20
C ILE B 322 7.70 4.53 25.37
N THR B 323 6.39 4.62 25.14
CA THR B 323 5.65 5.88 25.28
C THR B 323 4.46 5.61 26.21
N PRO B 324 4.38 6.34 27.34
CA PRO B 324 3.26 6.13 28.26
C PRO B 324 1.93 6.61 27.67
N VAL B 325 0.84 5.94 28.04
CA VAL B 325 -0.49 6.33 27.58
C VAL B 325 -1.24 6.70 28.86
N SER B 326 -1.71 7.93 28.94
CA SER B 326 -2.38 8.43 30.13
C SER B 326 -3.87 8.69 30.02
N HIS B 327 -4.36 8.97 28.82
CA HIS B 327 -5.77 9.28 28.65
C HIS B 327 -6.38 8.50 27.50
N VAL B 328 -7.63 8.07 27.67
CA VAL B 328 -8.33 7.31 26.63
C VAL B 328 -9.69 7.92 26.32
N LYS B 329 -9.98 8.02 25.03
CA LYS B 329 -11.26 8.56 24.57
C LYS B 329 -11.75 7.63 23.48
N HIS B 330 -13.05 7.33 23.50
CA HIS B 330 -13.63 6.46 22.50
C HIS B 330 -15.10 6.77 22.28
N HIS B 331 -15.70 6.10 21.30
CA HIS B 331 -17.09 6.32 20.95
C HIS B 331 -18.04 6.33 22.15
N ASP B 332 -17.83 5.42 23.09
CA ASP B 332 -18.71 5.34 24.25
C ASP B 332 -18.15 5.75 25.60
N GLY B 333 -17.10 6.57 25.60
CA GLY B 333 -16.55 7.00 26.89
C GLY B 333 -15.21 7.70 26.85
N GLU B 334 -14.73 8.07 28.03
CA GLU B 334 -13.45 8.75 28.19
C GLU B 334 -12.97 8.53 29.61
N PHE B 335 -11.70 8.18 29.76
CA PHE B 335 -11.15 7.95 31.08
C PHE B 335 -9.64 8.14 31.10
N THR B 336 -9.11 8.37 32.30
CA THR B 336 -7.69 8.55 32.46
C THR B 336 -7.10 7.35 33.20
N ILE B 337 -5.82 7.10 32.95
CA ILE B 337 -5.12 5.98 33.57
C ILE B 337 -4.37 6.51 34.80
N ALA B 338 -4.75 6.01 35.98
CA ALA B 338 -4.14 6.43 37.23
C ALA B 338 -4.14 7.95 37.36
N ASP B 339 -2.97 8.52 37.70
CA ASP B 339 -2.85 9.96 37.88
C ASP B 339 -2.51 10.73 36.60
N GLY B 340 -2.59 10.05 35.46
CA GLY B 340 -2.29 10.69 34.19
C GLY B 340 -0.81 10.84 33.92
N GLN B 341 0.01 10.33 34.83
CA GLN B 341 1.45 10.40 34.69
C GLN B 341 2.05 9.05 34.31
N PRO B 342 3.30 9.04 33.82
CA PRO B 342 3.95 7.78 33.43
C PRO B 342 4.10 6.86 34.64
N GLY B 343 3.64 5.61 34.49
CA GLY B 343 3.70 4.66 35.58
C GLY B 343 5.09 4.17 35.96
N GLU B 344 5.19 3.63 37.17
CA GLU B 344 6.45 3.10 37.70
C GLU B 344 7.04 1.97 36.87
N ILE B 345 6.19 0.99 36.55
CA ILE B 345 6.61 -0.17 35.76
C ILE B 345 6.98 0.24 34.34
N THR B 346 6.21 1.18 33.80
CA THR B 346 6.44 1.70 32.45
C THR B 346 7.87 2.26 32.34
N MET B 347 8.28 3.07 33.32
CA MET B 347 9.60 3.68 33.28
C MET B 347 10.72 2.72 33.68
N ALA B 348 10.41 1.80 34.58
CA ALA B 348 11.40 0.82 35.03
C ALA B 348 11.80 -0.02 33.82
N LEU B 349 10.80 -0.51 33.10
CA LEU B 349 11.04 -1.32 31.90
C LEU B 349 11.72 -0.50 30.80
N ARG B 350 11.36 0.77 30.67
CA ARG B 350 11.99 1.58 29.63
C ARG B 350 13.46 1.81 30.00
N ASP B 351 13.72 2.04 31.28
CA ASP B 351 15.10 2.26 31.74
C ASP B 351 15.94 1.00 31.55
N THR B 352 15.35 -0.17 31.82
CA THR B 352 16.08 -1.42 31.67
C THR B 352 16.41 -1.70 30.21
N LEU B 353 15.43 -1.57 29.33
CA LEU B 353 15.67 -1.84 27.91
C LEU B 353 16.69 -0.90 27.30
N THR B 354 16.49 0.41 27.49
CA THR B 354 17.44 1.37 26.93
C THR B 354 18.81 1.20 27.59
N GLY B 355 18.82 0.73 28.83
CA GLY B 355 20.09 0.52 29.51
C GLY B 355 20.88 -0.57 28.83
N ILE B 356 20.18 -1.63 28.42
CA ILE B 356 20.82 -2.74 27.72
C ILE B 356 21.33 -2.24 26.37
N GLN B 357 20.47 -1.50 25.65
CA GLN B 357 20.84 -0.98 24.34
C GLN B 357 22.05 -0.03 24.40
N ARG B 358 22.15 0.74 25.48
CA ARG B 358 23.24 1.69 25.64
C ARG B 358 24.50 1.06 26.21
N GLY B 359 24.40 -0.21 26.59
CA GLY B 359 25.54 -0.93 27.14
C GLY B 359 25.74 -0.75 28.64
N THR B 360 24.77 -0.11 29.30
CA THR B 360 24.85 0.13 30.73
C THR B 360 24.51 -1.11 31.56
N PHE B 361 23.47 -1.83 31.13
CA PHE B 361 23.05 -3.03 31.84
C PHE B 361 23.50 -4.30 31.11
N ALA B 362 23.50 -5.43 31.83
CA ALA B 362 23.92 -6.70 31.26
C ALA B 362 22.98 -7.21 30.18
N ASP B 363 23.56 -7.62 29.05
CA ASP B 363 22.82 -8.16 27.93
C ASP B 363 22.82 -9.69 28.04
N THR B 364 22.05 -10.19 29.00
CA THR B 364 21.98 -11.62 29.27
C THR B 364 21.42 -12.48 28.15
N HIS B 365 20.65 -11.87 27.24
CA HIS B 365 20.06 -12.62 26.14
C HIS B 365 20.85 -12.49 24.84
N GLY B 366 21.96 -11.76 24.88
CA GLY B 366 22.78 -11.60 23.69
C GLY B 366 22.07 -10.85 22.58
N TRP B 367 21.32 -9.82 22.94
CA TRP B 367 20.57 -9.05 21.95
C TRP B 367 21.41 -8.03 21.20
N MET B 368 22.44 -7.50 21.85
CA MET B 368 23.30 -6.50 21.21
C MET B 368 24.33 -7.16 20.29
N ALA B 369 24.44 -6.64 19.08
CA ALA B 369 25.39 -7.17 18.09
C ALA B 369 26.31 -6.05 17.60
N ARG B 370 27.56 -6.39 17.34
CA ARG B 370 28.54 -5.41 16.87
C ARG B 370 28.42 -5.15 15.37
N LEU B 371 28.46 -3.88 14.98
CA LEU B 371 28.37 -3.51 13.57
C LEU B 371 29.67 -2.87 13.10
N ASN B 372 30.19 -1.96 13.91
CA ASN B 372 31.43 -1.21 13.65
C ASN B 372 31.54 -0.49 12.30
N1 PLP C . -12.53 -3.15 -8.89
C2 PLP C . -11.34 -2.70 -8.29
C2A PLP C . -11.00 -3.26 -6.97
C3 PLP C . -10.57 -1.74 -8.98
O3 PLP C . -9.40 -1.27 -8.45
C4 PLP C . -11.02 -1.27 -10.30
C4A PLP C . -10.22 -0.28 -11.04
C5 PLP C . -12.25 -1.78 -10.86
C6 PLP C . -13.00 -2.74 -10.12
C5A PLP C . -12.85 -1.42 -12.19
O4P PLP C . -13.17 -0.10 -12.38
P PLP C . -13.39 0.38 -13.88
O1P PLP C . -14.57 -0.35 -14.43
O2P PLP C . -12.19 0.40 -14.66
O3P PLP C . -13.72 1.86 -13.58
O2 OBZ D . -7.12 -0.51 -12.77
C3 OBZ D . -6.44 -1.58 -12.04
C4 OBZ D . -5.90 -2.51 -13.02
C9 OBZ D . -6.75 -3.52 -13.56
C8 OBZ D . -6.29 -4.35 -14.60
C7 OBZ D . -4.96 -4.15 -15.09
C6 OBZ D . -4.11 -3.14 -14.54
C5 OBZ D . -4.58 -2.33 -13.51
C1 GOL E . -6.99 -7.11 -6.03
O1 GOL E . -7.64 -8.18 -6.70
C2 GOL E . -7.86 -5.92 -6.23
O2 GOL E . -9.25 -6.02 -5.77
C3 GOL E . -7.08 -4.87 -5.46
O3 GOL E . -8.08 -4.18 -4.73
N1 PLP F . 3.35 -2.16 15.01
C2 PLP F . 3.36 -1.96 13.63
C2A PLP F . 2.04 -1.95 12.94
C3 PLP F . 4.60 -1.78 12.99
O3 PLP F . 4.66 -1.58 11.63
C4 PLP F . 5.86 -1.80 13.79
C4A PLP F . 7.16 -1.61 13.13
C5 PLP F . 5.77 -2.02 15.21
C6 PLP F . 4.49 -2.19 15.82
C5A PLP F . 6.91 -2.07 16.19
O4P PLP F . 7.91 -2.98 15.92
P PLP F . 9.34 -2.76 16.59
O1P PLP F . 9.17 -2.89 18.07
O2P PLP F . 10.01 -1.61 16.08
O3P PLP F . 10.04 -3.98 15.98
C1 GOL G . 0.15 0.81 10.19
O1 GOL G . -0.26 -0.55 10.06
C2 GOL G . -0.61 1.31 11.38
O2 GOL G . -0.36 0.62 12.65
C3 GOL G . -0.12 2.70 11.49
O3 GOL G . -1.06 3.25 12.43
#